data_4BCP
#
_entry.id   4BCP
#
_cell.length_a   73.810
_cell.length_b   134.553
_cell.length_c   149.168
_cell.angle_alpha   90.00
_cell.angle_beta   90.00
_cell.angle_gamma   90.00
#
_symmetry.space_group_name_H-M   'P 21 21 21'
#
loop_
_entity.id
_entity.type
_entity.pdbx_description
1 polymer 'CYCLIN-DEPENDENT KINASE 2'
2 polymer CYCLIN-A2
3 non-polymer 2-[[3-(1,4-diazepan-1-yl)phenyl]amino]-4-[4-methyl-2-(methylamino)-1,3-thiazol-5-yl]pyrimidine-5-carbonitrile
4 non-polymer 'SULFATE ION'
5 non-polymer MONOTHIOGLYCEROL
6 water water
#
loop_
_entity_poly.entity_id
_entity_poly.type
_entity_poly.pdbx_seq_one_letter_code
_entity_poly.pdbx_strand_id
1 'polypeptide(L)'
;GSMENFQKVEKIGEGTYGVVYKARNKLTGEVVALKKIRLDTETEGVPSTAIREISLLKELNHPNIVKLLDVIHTENKLYL
VFEFLHQDLKKFMDASALTGIPLPLIKSYLFQLLQGLAFCHSHRVLHRDLKPQNLLINTEGAIKLADFGLARAFGVPVRT
Y(TPO)HEVVTLWYRAPEILLGCKYYSTAVDIWSLGCIFAEMVTRRALFPGDSEIDQLFRIFRTLGTPDEVVWPGVTSMP
DYKPSFPKWARQDFSKVVPPLDEDGRSLLSQMLHYDPNKRISAKAALAHPFFQDVTKPVPHLRL
;
A,C
2 'polypeptide(L)'
;SVNEVPDYHEDIHTYLREMEVKCKPKVGYMKKQPDITNSMRAILVDWLVEVGEEYKLQNETLHLAVNYIDRFLSSMSVLR
GKLQLVGTAAMLLASKFEEIYPPEVAEFVYITDDTYTKKQVLRMEHLVLKVLTFDLAAPTVNQFLTQYFLHQQPANCKVE
SLAMFLGELSLIDADPYLKYLPSVIAGAAFHLALYTVTGQSWPESLIRKTGYTLESLKPCLMDLHQTYLKAPQHAQQSIR
EKYKNSKYHGVSLLNPPETLNL
;
B,D
#
loop_
_chem_comp.id
_chem_comp.type
_chem_comp.name
_chem_comp.formula
SGM non-polymer MONOTHIOGLYCEROL 'C3 H8 O2 S'
SO4 non-polymer 'SULFATE ION' 'O4 S -2'
T3C non-polymer 2-[[3-(1,4-diazepan-1-yl)phenyl]amino]-4-[4-methyl-2-(methylamino)-1,3-thiazol-5-yl]pyrimidine-5-carbonitrile 'C21 H24 N8 S'
#
# COMPACT_ATOMS: atom_id res chain seq x y z
N SER A 2 -8.89 -3.80 15.07
CA SER A 2 -9.50 -4.52 16.19
C SER A 2 -10.72 -3.78 16.73
N MET A 3 -11.79 -4.53 17.02
CA MET A 3 -13.01 -3.92 17.55
C MET A 3 -12.85 -3.47 19.00
N GLU A 4 -11.82 -4.00 19.67
CA GLU A 4 -11.58 -3.71 21.08
C GLU A 4 -11.36 -2.23 21.36
N ASN A 5 -10.84 -1.50 20.37
CA ASN A 5 -10.55 -0.08 20.57
C ASN A 5 -11.74 0.83 20.27
N PHE A 6 -12.87 0.23 19.93
CA PHE A 6 -14.08 1.00 19.64
C PHE A 6 -15.13 0.79 20.72
N GLN A 7 -15.59 1.90 21.31
CA GLN A 7 -16.72 1.87 22.21
C GLN A 7 -17.96 2.35 21.47
N LYS A 8 -18.99 1.51 21.44
CA LYS A 8 -20.22 1.87 20.74
C LYS A 8 -21.02 2.93 21.50
N VAL A 9 -21.70 3.79 20.74
CA VAL A 9 -22.45 4.90 21.33
C VAL A 9 -23.96 4.71 21.17
N GLU A 10 -24.39 4.38 19.95
CA GLU A 10 -25.80 4.23 19.65
C GLU A 10 -26.00 3.71 18.24
N LYS A 11 -27.15 3.09 18.00
CA LYS A 11 -27.51 2.69 16.65
C LYS A 11 -27.97 3.92 15.89
N ILE A 12 -27.52 4.05 14.66
CA ILE A 12 -27.89 5.20 13.84
C ILE A 12 -29.04 4.84 12.89
N GLY A 13 -28.92 3.67 12.26
CA GLY A 13 -29.94 3.22 11.32
C GLY A 13 -29.46 2.00 10.55
N GLU A 14 -30.03 1.80 9.37
CA GLU A 14 -29.59 0.71 8.49
C GLU A 14 -29.18 1.27 7.13
N GLY A 15 -28.04 0.80 6.63
CA GLY A 15 -27.58 1.20 5.31
C GLY A 15 -28.21 0.32 4.24
N THR A 16 -27.94 0.65 2.98
CA THR A 16 -28.42 -0.15 1.87
C THR A 16 -28.25 -1.64 2.18
N TYR A 17 -27.23 -1.95 2.96
CA TYR A 17 -27.01 -3.28 3.50
C TYR A 17 -26.27 -3.15 4.83
N GLY A 18 -26.60 -4.01 5.78
CA GLY A 18 -25.94 -3.98 7.08
C GLY A 18 -26.50 -2.92 8.02
N VAL A 19 -25.97 -2.86 9.23
CA VAL A 19 -26.45 -1.95 10.25
C VAL A 19 -25.36 -0.97 10.68
N VAL A 20 -25.76 0.28 10.95
CA VAL A 20 -24.79 1.33 11.26
C VAL A 20 -24.86 1.79 12.71
N TYR A 21 -23.69 1.91 13.33
CA TYR A 21 -23.59 2.42 14.69
C TYR A 21 -22.65 3.61 14.75
N LYS A 22 -22.92 4.53 15.66
CA LYS A 22 -21.96 5.56 16.02
C LYS A 22 -21.04 4.97 17.09
N ALA A 23 -19.73 5.08 16.89
CA ALA A 23 -18.77 4.53 17.83
C ALA A 23 -17.62 5.51 18.06
N ARG A 24 -16.83 5.24 19.09
CA ARG A 24 -15.73 6.12 19.46
C ARG A 24 -14.44 5.33 19.61
N ASN A 25 -13.41 5.75 18.89
CA ASN A 25 -12.09 5.18 19.06
C ASN A 25 -11.57 5.58 20.44
N LYS A 26 -11.31 4.60 21.28
CA LYS A 26 -10.97 4.86 22.68
C LYS A 26 -9.56 5.43 22.86
N LEU A 27 -8.70 5.19 21.88
CA LEU A 27 -7.30 5.61 21.98
C LEU A 27 -7.06 6.98 21.33
N THR A 28 -7.67 7.21 20.18
CA THR A 28 -7.47 8.46 19.45
C THR A 28 -8.59 9.47 19.73
N GLY A 29 -9.73 8.96 20.21
CA GLY A 29 -10.88 9.81 20.48
C GLY A 29 -11.76 10.01 19.26
N GLU A 30 -11.30 9.53 18.11
CA GLU A 30 -12.05 9.72 16.87
C GLU A 30 -13.45 9.12 16.95
N VAL A 31 -14.44 9.85 16.45
CA VAL A 31 -15.81 9.37 16.36
C VAL A 31 -16.04 8.79 14.96
N VAL A 32 -16.55 7.56 14.90
CA VAL A 32 -16.74 6.89 13.62
C VAL A 32 -18.14 6.31 13.47
N ALA A 33 -18.47 5.92 12.24
CA ALA A 33 -19.67 5.15 11.97
C ALA A 33 -19.26 3.74 11.58
N LEU A 34 -19.86 2.74 12.21
CA LEU A 34 -19.55 1.36 11.91
C LEU A 34 -20.68 0.72 11.11
N LYS A 35 -20.32 0.12 9.98
CA LYS A 35 -21.29 -0.63 9.19
C LYS A 35 -20.99 -2.11 9.37
N LYS A 36 -21.87 -2.81 10.06
CA LYS A 36 -21.69 -4.23 10.31
C LYS A 36 -22.36 -5.09 9.25
N ILE A 37 -21.58 -5.93 8.59
CA ILE A 37 -22.12 -6.90 7.64
C ILE A 37 -21.90 -8.31 8.17
N ARG A 38 -23.00 -9.01 8.44
CA ARG A 38 -22.91 -10.37 8.96
C ARG A 38 -22.63 -11.36 7.84
N LEU A 39 -21.56 -12.13 8.00
CA LEU A 39 -21.15 -13.11 7.00
C LEU A 39 -21.77 -14.48 7.28
N ASP A 40 -21.96 -14.80 8.55
CA ASP A 40 -22.85 -15.90 8.90
C ASP A 40 -24.24 -15.42 8.49
N THR A 41 -25.14 -16.35 8.20
CA THR A 41 -26.43 -16.01 7.58
C THR A 41 -26.22 -15.65 6.11
N GLU A 42 -24.96 -15.70 5.68
CA GLU A 42 -24.62 -15.46 4.28
C GLU A 42 -24.05 -16.73 3.65
N THR A 43 -24.93 -17.54 3.07
CA THR A 43 -24.52 -18.78 2.43
C THR A 43 -23.96 -18.51 1.04
N GLU A 44 -23.64 -17.24 0.78
CA GLU A 44 -23.17 -16.83 -0.53
C GLU A 44 -21.83 -16.11 -0.46
N GLY A 45 -21.20 -16.16 0.71
CA GLY A 45 -19.92 -15.48 0.92
C GLY A 45 -20.11 -14.00 1.12
N VAL A 46 -19.08 -13.22 0.82
CA VAL A 46 -19.15 -11.77 0.97
C VAL A 46 -20.06 -11.18 -0.12
N PRO A 47 -21.05 -10.37 0.29
CA PRO A 47 -22.04 -9.80 -0.62
C PRO A 47 -21.41 -8.90 -1.67
N SER A 48 -21.89 -8.99 -2.91
CA SER A 48 -21.36 -8.17 -3.99
C SER A 48 -21.44 -6.66 -3.68
N THR A 49 -22.49 -6.27 -2.98
CA THR A 49 -22.65 -4.86 -2.58
C THR A 49 -21.50 -4.43 -1.67
N ALA A 50 -21.10 -5.33 -0.77
CA ALA A 50 -20.00 -5.05 0.14
C ALA A 50 -18.67 -5.01 -0.61
N ILE A 51 -18.48 -5.96 -1.52
CA ILE A 51 -17.27 -6.02 -2.34
C ILE A 51 -17.09 -4.75 -3.19
N ARG A 52 -18.18 -4.27 -3.80
CA ARG A 52 -18.13 -3.06 -4.58
C ARG A 52 -17.91 -1.81 -3.72
N GLU A 53 -18.68 -1.68 -2.64
CA GLU A 53 -18.57 -0.50 -1.78
C GLU A 53 -17.15 -0.32 -1.28
N ILE A 54 -16.55 -1.41 -0.80
CA ILE A 54 -15.20 -1.35 -0.25
C ILE A 54 -14.16 -1.02 -1.30
N SER A 55 -14.11 -1.79 -2.39
CA SER A 55 -13.09 -1.59 -3.40
C SER A 55 -13.18 -0.21 -4.04
N LEU A 56 -14.40 0.24 -4.33
CA LEU A 56 -14.58 1.54 -4.96
C LEU A 56 -14.25 2.69 -4.01
N LEU A 57 -14.64 2.54 -2.75
CA LEU A 57 -14.46 3.61 -1.77
C LEU A 57 -12.99 3.80 -1.37
N LYS A 58 -12.20 2.72 -1.40
CA LYS A 58 -10.79 2.84 -1.10
C LYS A 58 -10.05 3.70 -2.12
N GLU A 59 -10.59 3.78 -3.33
CA GLU A 59 -9.98 4.58 -4.39
C GLU A 59 -10.41 6.04 -4.33
N LEU A 60 -11.57 6.29 -3.72
CA LEU A 60 -12.19 7.60 -3.79
C LEU A 60 -11.89 8.47 -2.57
N ASN A 61 -10.72 9.07 -2.54
CA ASN A 61 -10.38 10.04 -1.50
C ASN A 61 -10.65 11.46 -1.96
N HIS A 62 -11.73 12.04 -1.44
CA HIS A 62 -12.16 13.37 -1.83
C HIS A 62 -12.88 13.97 -0.64
N PRO A 63 -12.71 15.28 -0.40
CA PRO A 63 -13.36 15.94 0.74
C PRO A 63 -14.89 15.84 0.73
N ASN A 64 -15.48 15.58 -0.43
CA ASN A 64 -16.93 15.51 -0.53
C ASN A 64 -17.44 14.08 -0.76
N ILE A 65 -16.60 13.12 -0.42
CA ILE A 65 -16.97 11.71 -0.43
C ILE A 65 -16.62 11.12 0.93
N VAL A 66 -17.60 10.51 1.59
CA VAL A 66 -17.37 9.93 2.90
C VAL A 66 -16.15 9.01 2.90
N LYS A 67 -15.29 9.16 3.89
CA LYS A 67 -14.05 8.40 3.92
C LYS A 67 -14.20 7.06 4.62
N LEU A 68 -13.80 6.00 3.93
CA LEU A 68 -13.69 4.67 4.52
C LEU A 68 -12.35 4.59 5.24
N LEU A 69 -12.39 4.44 6.56
CA LEU A 69 -11.18 4.46 7.36
C LEU A 69 -10.51 3.09 7.44
N ASP A 70 -11.31 2.04 7.56
CA ASP A 70 -10.77 0.72 7.78
C ASP A 70 -11.79 -0.36 7.49
N VAL A 71 -11.32 -1.57 7.23
CA VAL A 71 -12.19 -2.72 7.09
C VAL A 71 -11.71 -3.80 8.06
N ILE A 72 -12.58 -4.23 8.96
CA ILE A 72 -12.19 -5.17 10.00
C ILE A 72 -12.94 -6.49 9.89
N HIS A 73 -12.20 -7.57 9.66
CA HIS A 73 -12.78 -8.91 9.63
C HIS A 73 -12.61 -9.61 10.98
N THR A 74 -13.69 -9.65 11.76
CA THR A 74 -13.69 -10.37 13.02
C THR A 74 -14.29 -11.75 12.77
N GLU A 75 -14.69 -12.44 13.82
CA GLU A 75 -15.29 -13.77 13.67
C GLU A 75 -16.67 -13.71 13.01
N ASN A 76 -16.71 -14.09 11.72
CA ASN A 76 -17.97 -14.15 10.98
C ASN A 76 -18.61 -12.79 10.71
N LYS A 77 -17.89 -11.71 10.97
CA LYS A 77 -18.41 -10.38 10.73
C LYS A 77 -17.46 -9.51 9.93
N LEU A 78 -18.04 -8.60 9.16
CA LEU A 78 -17.28 -7.64 8.37
C LEU A 78 -17.69 -6.23 8.82
N TYR A 79 -16.75 -5.50 9.41
CA TYR A 79 -17.01 -4.14 9.88
C TYR A 79 -16.35 -3.10 8.98
N LEU A 80 -17.15 -2.21 8.43
CA LEU A 80 -16.62 -1.07 7.69
C LEU A 80 -16.58 0.14 8.61
N VAL A 81 -15.40 0.74 8.74
CA VAL A 81 -15.22 1.92 9.59
C VAL A 81 -15.18 3.20 8.75
N PHE A 82 -16.20 4.04 8.92
CA PHE A 82 -16.30 5.31 8.20
C PHE A 82 -16.06 6.49 9.12
N GLU A 83 -15.67 7.63 8.56
CA GLU A 83 -15.70 8.88 9.30
C GLU A 83 -17.15 9.16 9.71
N PHE A 84 -17.35 9.74 10.88
CA PHE A 84 -18.70 10.06 11.34
C PHE A 84 -19.16 11.43 10.88
N LEU A 85 -20.36 11.50 10.30
CA LEU A 85 -20.99 12.78 10.03
C LEU A 85 -22.28 12.89 10.81
N HIS A 86 -22.64 14.12 11.19
CA HIS A 86 -23.68 14.37 12.19
C HIS A 86 -25.11 14.12 11.73
N GLN A 87 -25.38 14.23 10.43
CA GLN A 87 -26.75 14.15 9.97
C GLN A 87 -26.83 13.92 8.46
N ASP A 88 -27.99 13.50 7.98
CA ASP A 88 -28.22 13.38 6.54
C ASP A 88 -29.06 14.56 6.04
N LEU A 89 -29.01 14.80 4.74
CA LEU A 89 -29.68 15.96 4.17
C LEU A 89 -31.19 15.94 4.39
N LYS A 90 -31.78 14.75 4.32
CA LYS A 90 -33.23 14.61 4.48
C LYS A 90 -33.73 15.20 5.79
N LYS A 91 -33.14 14.75 6.89
CA LYS A 91 -33.54 15.23 8.22
C LYS A 91 -33.27 16.71 8.41
N PHE A 92 -32.22 17.21 7.74
CA PHE A 92 -31.89 18.63 7.81
C PHE A 92 -32.96 19.46 7.11
N MET A 93 -33.47 18.97 5.99
CA MET A 93 -34.53 19.66 5.26
C MET A 93 -35.84 19.67 6.06
N ASP A 94 -36.11 18.57 6.76
CA ASP A 94 -37.29 18.49 7.61
C ASP A 94 -37.18 19.47 8.78
N ALA A 95 -35.99 19.57 9.35
CA ALA A 95 -35.74 20.50 10.44
C ALA A 95 -35.88 21.97 9.99
N SER A 96 -35.71 22.21 8.69
CA SER A 96 -35.80 23.55 8.14
C SER A 96 -37.18 23.90 7.59
N ALA A 97 -38.18 23.10 7.97
CA ALA A 97 -39.55 23.27 7.46
C ALA A 97 -40.08 24.70 7.59
N LEU A 98 -39.65 25.41 8.63
CA LEU A 98 -40.18 26.75 8.89
C LEU A 98 -39.36 27.87 8.26
N THR A 99 -38.07 27.92 8.56
CA THR A 99 -37.21 28.98 8.06
C THR A 99 -36.83 28.79 6.60
N GLY A 100 -36.82 27.54 6.16
CA GLY A 100 -36.29 27.21 4.85
C GLY A 100 -34.78 27.20 4.91
N ILE A 101 -34.14 26.71 3.85
CA ILE A 101 -32.68 26.66 3.80
C ILE A 101 -32.13 27.89 3.09
N PRO A 102 -31.27 28.65 3.79
CA PRO A 102 -30.63 29.83 3.19
C PRO A 102 -29.95 29.51 1.87
N LEU A 103 -30.16 30.37 0.88
CA LEU A 103 -29.62 30.20 -0.46
C LEU A 103 -28.12 29.90 -0.47
N PRO A 104 -27.33 30.64 0.32
CA PRO A 104 -25.88 30.37 0.36
C PRO A 104 -25.56 28.93 0.74
N LEU A 105 -26.39 28.32 1.58
CA LEU A 105 -26.15 26.95 1.99
C LEU A 105 -26.54 25.98 0.88
N ILE A 106 -27.68 26.22 0.25
CA ILE A 106 -28.11 25.44 -0.90
C ILE A 106 -27.06 25.49 -2.00
N LYS A 107 -26.59 26.70 -2.29
CA LYS A 107 -25.57 26.91 -3.31
C LYS A 107 -24.32 26.12 -2.95
N SER A 108 -23.88 26.26 -1.70
CA SER A 108 -22.68 25.58 -1.21
C SER A 108 -22.82 24.06 -1.27
N TYR A 109 -23.99 23.56 -0.87
CA TYR A 109 -24.25 22.12 -0.87
C TYR A 109 -24.21 21.55 -2.29
N LEU A 110 -24.91 22.22 -3.21
CA LEU A 110 -24.92 21.78 -4.60
C LEU A 110 -23.51 21.77 -5.18
N PHE A 111 -22.77 22.83 -4.91
CA PHE A 111 -21.41 22.96 -5.44
C PHE A 111 -20.54 21.81 -4.95
N GLN A 112 -20.66 21.49 -3.67
CA GLN A 112 -19.90 20.40 -3.07
C GLN A 112 -20.31 19.03 -3.62
N LEU A 113 -21.61 18.83 -3.81
CA LEU A 113 -22.11 17.56 -4.35
C LEU A 113 -21.60 17.35 -5.76
N LEU A 114 -21.55 18.43 -6.53
CA LEU A 114 -21.04 18.37 -7.90
C LEU A 114 -19.55 18.03 -7.93
N GLN A 115 -18.77 18.61 -7.02
CA GLN A 115 -17.34 18.28 -6.92
C GLN A 115 -17.18 16.80 -6.62
N GLY A 116 -17.88 16.32 -5.60
CA GLY A 116 -17.83 14.92 -5.21
C GLY A 116 -18.21 14.00 -6.35
N LEU A 117 -19.28 14.34 -7.06
CA LEU A 117 -19.79 13.52 -8.16
C LEU A 117 -18.83 13.54 -9.34
N ALA A 118 -18.29 14.71 -9.66
CA ALA A 118 -17.31 14.83 -10.73
C ALA A 118 -16.10 13.94 -10.48
N PHE A 119 -15.70 13.84 -9.22
CA PHE A 119 -14.58 12.97 -8.84
C PHE A 119 -14.94 11.50 -9.08
N CYS A 120 -16.16 11.11 -8.67
CA CYS A 120 -16.64 9.76 -8.90
C CYS A 120 -16.58 9.38 -10.38
N HIS A 121 -17.17 10.23 -11.21
CA HIS A 121 -17.26 9.97 -12.65
C HIS A 121 -15.89 9.99 -13.33
N SER A 122 -15.00 10.87 -12.86
CA SER A 122 -13.63 10.91 -13.37
C SER A 122 -12.87 9.63 -13.01
N HIS A 123 -13.38 8.90 -12.03
CA HIS A 123 -12.73 7.67 -11.62
C HIS A 123 -13.60 6.46 -11.96
N ARG A 124 -14.37 6.62 -13.04
CA ARG A 124 -15.25 5.58 -13.58
C ARG A 124 -16.14 4.89 -12.55
N VAL A 125 -16.71 5.68 -11.64
CA VAL A 125 -17.68 5.15 -10.69
C VAL A 125 -19.04 5.85 -10.83
N LEU A 126 -20.09 5.05 -11.01
CA LEU A 126 -21.46 5.54 -10.95
C LEU A 126 -21.99 5.29 -9.55
N HIS A 127 -22.65 6.28 -8.97
CA HIS A 127 -23.20 6.12 -7.62
C HIS A 127 -24.52 5.35 -7.63
N ARG A 128 -25.46 5.80 -8.46
CA ARG A 128 -26.71 5.07 -8.73
C ARG A 128 -27.72 5.04 -7.59
N ASP A 129 -27.51 5.86 -6.56
CA ASP A 129 -28.48 5.95 -5.47
C ASP A 129 -28.38 7.27 -4.72
N LEU A 130 -28.22 8.35 -5.48
CA LEU A 130 -28.18 9.68 -4.89
C LEU A 130 -29.58 10.12 -4.44
N LYS A 131 -29.71 10.37 -3.14
CA LYS A 131 -30.96 10.86 -2.58
C LYS A 131 -30.59 11.52 -1.27
N PRO A 132 -31.47 12.37 -0.73
CA PRO A 132 -31.10 13.15 0.46
C PRO A 132 -30.60 12.26 1.60
N GLN A 133 -31.20 11.08 1.75
CA GLN A 133 -30.83 10.15 2.82
C GLN A 133 -29.39 9.66 2.71
N ASN A 134 -28.81 9.70 1.51
CA ASN A 134 -27.45 9.21 1.30
C ASN A 134 -26.42 10.35 1.19
N LEU A 135 -26.87 11.56 1.52
CA LEU A 135 -25.99 12.73 1.50
C LEU A 135 -25.83 13.22 2.94
N LEU A 136 -24.59 13.22 3.43
CA LEU A 136 -24.33 13.50 4.83
C LEU A 136 -23.65 14.84 5.08
N ILE A 137 -24.08 15.54 6.12
CA ILE A 137 -23.54 16.84 6.44
C ILE A 137 -22.89 16.86 7.83
N ASN A 138 -21.90 17.74 8.00
CA ASN A 138 -21.31 17.94 9.31
C ASN A 138 -21.53 19.37 9.81
N THR A 139 -20.99 19.69 10.99
CA THR A 139 -21.25 20.98 11.62
C THR A 139 -20.43 22.12 11.02
N GLU A 140 -19.52 21.79 10.10
CA GLU A 140 -18.61 22.80 9.55
C GLU A 140 -19.02 23.28 8.15
N GLY A 141 -20.10 22.73 7.61
CA GLY A 141 -20.61 23.19 6.33
C GLY A 141 -20.34 22.24 5.17
N ALA A 142 -19.70 21.12 5.45
CA ALA A 142 -19.45 20.12 4.44
C ALA A 142 -20.69 19.26 4.18
N ILE A 143 -20.79 18.72 2.96
CA ILE A 143 -21.76 17.68 2.65
C ILE A 143 -21.03 16.65 1.79
N LYS A 144 -21.34 15.36 1.98
CA LYS A 144 -20.57 14.31 1.31
C LYS A 144 -21.46 13.18 0.80
N LEU A 145 -21.06 12.57 -0.32
CA LEU A 145 -21.76 11.40 -0.84
C LEU A 145 -21.48 10.20 0.06
N ALA A 146 -22.52 9.44 0.39
CA ALA A 146 -22.37 8.26 1.21
C ALA A 146 -23.14 7.08 0.62
N ASP A 147 -22.92 5.91 1.20
CA ASP A 147 -23.58 4.68 0.79
C ASP A 147 -23.34 4.31 -0.67
N PHE A 148 -22.20 3.67 -0.92
CA PHE A 148 -21.83 3.23 -2.25
C PHE A 148 -22.21 1.77 -2.49
N GLY A 149 -23.22 1.32 -1.77
CA GLY A 149 -23.72 -0.05 -1.90
C GLY A 149 -24.32 -0.37 -3.26
N LEU A 150 -24.76 0.66 -3.99
CA LEU A 150 -25.34 0.45 -5.31
C LEU A 150 -24.41 0.88 -6.44
N ALA A 151 -23.26 1.45 -6.10
CA ALA A 151 -22.33 1.95 -7.09
C ALA A 151 -21.75 0.82 -7.91
N ARG A 152 -21.10 1.17 -9.02
CA ARG A 152 -20.31 0.20 -9.77
C ARG A 152 -19.29 0.92 -10.67
N ALA A 153 -18.19 0.24 -10.97
CA ALA A 153 -17.19 0.77 -11.87
C ALA A 153 -17.66 0.57 -13.30
N PHE A 154 -17.68 1.65 -14.09
CA PHE A 154 -18.17 1.54 -15.46
C PHE A 154 -17.04 1.58 -16.49
N GLY A 155 -17.38 1.24 -17.73
CA GLY A 155 -16.41 1.24 -18.80
C GLY A 155 -16.68 2.33 -19.81
N VAL A 156 -15.72 2.57 -20.69
CA VAL A 156 -15.87 3.53 -21.77
C VAL A 156 -15.72 2.82 -23.11
N PRO A 157 -16.79 2.75 -23.90
CA PRO A 157 -18.13 3.22 -23.54
C PRO A 157 -18.83 2.22 -22.63
N VAL A 158 -19.98 2.59 -22.08
CA VAL A 158 -20.68 1.72 -21.13
C VAL A 158 -21.24 0.45 -21.75
N ARG A 159 -21.48 -0.53 -20.89
CA ARG A 159 -22.12 -1.79 -21.24
C ARG A 159 -23.51 -1.72 -20.59
N THR A 160 -24.39 -2.68 -20.88
CA THR A 160 -25.64 -2.76 -20.15
C THR A 160 -25.35 -3.17 -18.71
N TYR A 161 -25.84 -2.37 -17.77
CA TYR A 161 -25.68 -2.67 -16.35
C TYR A 161 -27.04 -2.98 -15.73
N TPO A 162 -27.07 -3.15 -14.42
CA TPO A 162 -28.33 -3.49 -13.70
CB TPO A 162 -28.00 -3.59 -12.22
CG2 TPO A 162 -29.24 -3.99 -11.41
OG1 TPO A 162 -26.98 -4.58 -12.02
P TPO A 162 -25.51 -4.16 -11.52
O1P TPO A 162 -24.73 -5.45 -11.58
O2P TPO A 162 -25.04 -3.11 -12.51
O3P TPO A 162 -25.75 -3.64 -10.12
C TPO A 162 -29.41 -2.48 -13.93
O TPO A 162 -29.18 -1.27 -13.83
N HIS A 163 -30.61 -2.94 -14.24
CA HIS A 163 -31.72 -2.05 -14.55
C HIS A 163 -32.40 -1.46 -13.32
N GLU A 164 -32.51 -2.26 -12.26
CA GLU A 164 -33.18 -1.83 -11.04
C GLU A 164 -32.26 -0.98 -10.19
N VAL A 165 -32.10 0.29 -10.56
CA VAL A 165 -31.20 1.18 -9.83
C VAL A 165 -31.80 2.56 -9.59
N VAL A 166 -31.32 3.22 -8.55
CA VAL A 166 -31.78 4.55 -8.16
C VAL A 166 -33.18 4.47 -7.52
N THR A 167 -33.31 5.05 -6.33
CA THR A 167 -34.60 5.16 -5.67
C THR A 167 -35.57 5.90 -6.60
N LEU A 168 -36.76 5.36 -6.74
CA LEU A 168 -37.74 5.81 -7.73
C LEU A 168 -37.83 7.32 -7.92
N TRP A 169 -38.03 8.06 -6.83
CA TRP A 169 -38.21 9.50 -6.90
C TRP A 169 -37.09 10.23 -7.66
N TYR A 170 -35.88 9.64 -7.66
CA TYR A 170 -34.70 10.31 -8.22
C TYR A 170 -34.19 9.59 -9.47
N ARG A 171 -35.00 8.68 -9.99
CA ARG A 171 -34.62 7.86 -11.13
C ARG A 171 -34.78 8.60 -12.45
N ALA A 172 -33.76 8.52 -13.30
CA ALA A 172 -33.74 9.23 -14.58
C ALA A 172 -34.69 8.60 -15.59
N PRO A 173 -35.21 9.43 -16.51
CA PRO A 173 -36.16 8.97 -17.53
C PRO A 173 -35.59 7.83 -18.40
N GLU A 174 -34.29 7.84 -18.66
CA GLU A 174 -33.71 6.84 -19.54
C GLU A 174 -33.74 5.45 -18.90
N ILE A 175 -33.68 5.40 -17.59
CA ILE A 175 -33.85 4.15 -16.86
C ILE A 175 -35.33 3.74 -16.89
N LEU A 176 -36.20 4.70 -16.57
CA LEU A 176 -37.64 4.45 -16.58
C LEU A 176 -38.13 3.95 -17.95
N LEU A 177 -37.51 4.43 -19.02
CA LEU A 177 -37.92 4.05 -20.37
C LEU A 177 -37.18 2.81 -20.89
N GLY A 178 -36.34 2.23 -20.04
CA GLY A 178 -35.70 0.96 -20.34
C GLY A 178 -34.57 0.99 -21.35
N CYS A 179 -33.81 2.08 -21.39
CA CYS A 179 -32.67 2.17 -22.31
C CYS A 179 -31.64 1.08 -22.00
N LYS A 180 -31.13 0.45 -23.05
CA LYS A 180 -30.10 -0.57 -22.92
C LYS A 180 -28.85 -0.04 -22.21
N TYR A 181 -28.56 1.24 -22.44
CA TYR A 181 -27.38 1.87 -21.85
C TYR A 181 -27.74 3.12 -21.05
N TYR A 182 -27.19 3.20 -19.84
CA TYR A 182 -27.22 4.44 -19.08
C TYR A 182 -25.82 4.73 -18.53
N SER A 183 -25.56 5.98 -18.21
CA SER A 183 -24.23 6.38 -17.78
C SER A 183 -24.26 7.48 -16.73
N THR A 184 -23.20 8.31 -16.71
CA THR A 184 -23.02 9.33 -15.70
C THR A 184 -24.23 10.26 -15.57
N ALA A 185 -24.96 10.44 -16.67
CA ALA A 185 -26.12 11.33 -16.67
C ALA A 185 -27.16 10.96 -15.62
N VAL A 186 -27.26 9.68 -15.26
CA VAL A 186 -28.28 9.27 -14.30
C VAL A 186 -28.02 9.86 -12.92
N ASP A 187 -26.75 10.00 -12.56
CA ASP A 187 -26.41 10.60 -11.27
C ASP A 187 -26.71 12.09 -11.28
N ILE A 188 -26.47 12.74 -12.41
CA ILE A 188 -26.78 14.16 -12.56
C ILE A 188 -28.29 14.41 -12.40
N TRP A 189 -29.10 13.56 -13.02
CA TRP A 189 -30.55 13.69 -12.88
C TRP A 189 -30.94 13.70 -11.41
N SER A 190 -30.40 12.74 -10.64
CA SER A 190 -30.67 12.67 -9.22
C SER A 190 -30.31 13.97 -8.48
N LEU A 191 -29.12 14.50 -8.77
CA LEU A 191 -28.70 15.75 -8.13
C LEU A 191 -29.62 16.92 -8.48
N GLY A 192 -30.11 16.96 -9.72
CA GLY A 192 -31.08 17.96 -10.12
C GLY A 192 -32.35 17.88 -9.31
N CYS A 193 -32.85 16.66 -9.11
CA CYS A 193 -34.03 16.45 -8.27
C CYS A 193 -33.76 16.92 -6.85
N ILE A 194 -32.56 16.67 -6.35
CA ILE A 194 -32.17 17.05 -5.01
C ILE A 194 -32.01 18.58 -4.88
N PHE A 195 -31.50 19.19 -5.93
CA PHE A 195 -31.38 20.65 -6.02
C PHE A 195 -32.77 21.27 -5.82
N ALA A 196 -33.73 20.83 -6.63
CA ALA A 196 -35.09 21.33 -6.53
C ALA A 196 -35.68 21.12 -5.14
N GLU A 197 -35.37 19.97 -4.55
CA GLU A 197 -35.90 19.61 -3.23
C GLU A 197 -35.31 20.44 -2.09
N MET A 198 -34.07 20.90 -2.23
CA MET A 198 -33.48 21.77 -1.22
C MET A 198 -34.17 23.13 -1.20
N VAL A 199 -34.70 23.53 -2.34
CA VAL A 199 -35.34 24.83 -2.48
C VAL A 199 -36.79 24.81 -1.94
N THR A 200 -37.52 23.76 -2.24
CA THR A 200 -38.92 23.63 -1.83
C THR A 200 -39.08 22.81 -0.55
N ARG A 201 -38.11 21.93 -0.30
CA ARG A 201 -38.16 21.01 0.83
C ARG A 201 -39.25 19.95 0.68
N ARG A 202 -39.64 19.73 -0.57
CA ARG A 202 -40.49 18.60 -0.94
C ARG A 202 -39.95 17.99 -2.23
N ALA A 203 -40.19 16.70 -2.43
CA ALA A 203 -39.63 16.01 -3.59
C ALA A 203 -40.24 16.51 -4.90
N LEU A 204 -39.40 16.63 -5.91
CA LEU A 204 -39.84 17.12 -7.22
C LEU A 204 -40.79 16.14 -7.91
N PHE A 205 -40.43 14.86 -7.91
CA PHE A 205 -41.25 13.84 -8.57
C PHE A 205 -41.50 12.64 -7.64
N PRO A 206 -42.44 12.78 -6.70
CA PRO A 206 -42.77 11.71 -5.76
C PRO A 206 -43.72 10.67 -6.33
N GLY A 207 -43.25 9.87 -7.28
CA GLY A 207 -44.09 8.86 -7.90
C GLY A 207 -44.30 7.65 -7.00
N ASP A 208 -45.41 6.94 -7.22
CA ASP A 208 -45.73 5.74 -6.46
C ASP A 208 -45.39 4.48 -7.26
N SER A 209 -45.15 4.66 -8.55
CA SER A 209 -44.80 3.56 -9.43
C SER A 209 -43.98 4.09 -10.60
N GLU A 210 -43.53 3.20 -11.45
CA GLU A 210 -42.70 3.61 -12.59
C GLU A 210 -43.46 4.50 -13.57
N ILE A 211 -44.69 4.11 -13.90
CA ILE A 211 -45.49 4.89 -14.84
C ILE A 211 -45.95 6.22 -14.22
N ASP A 212 -46.31 6.18 -12.95
CA ASP A 212 -46.65 7.40 -12.23
C ASP A 212 -45.45 8.34 -12.23
N GLN A 213 -44.27 7.78 -11.99
CA GLN A 213 -43.03 8.55 -11.98
C GLN A 213 -42.80 9.24 -13.32
N LEU A 214 -42.89 8.48 -14.41
CA LEU A 214 -42.76 9.05 -15.75
C LEU A 214 -43.74 10.19 -16.01
N PHE A 215 -45.02 9.95 -15.70
CA PHE A 215 -46.06 10.94 -15.98
C PHE A 215 -45.85 12.22 -15.17
N ARG A 216 -45.40 12.07 -13.93
CA ARG A 216 -45.04 13.23 -13.12
C ARG A 216 -43.93 14.03 -13.76
N ILE A 217 -42.95 13.32 -14.34
CA ILE A 217 -41.86 13.98 -15.05
C ILE A 217 -42.38 14.65 -16.32
N PHE A 218 -43.22 13.94 -17.06
CA PHE A 218 -43.80 14.48 -18.28
C PHE A 218 -44.63 15.74 -18.01
N ARG A 219 -45.41 15.74 -16.94
CA ARG A 219 -46.31 16.87 -16.66
C ARG A 219 -45.57 18.13 -16.25
N THR A 220 -44.32 17.96 -15.82
CA THR A 220 -43.51 19.08 -15.39
C THR A 220 -42.61 19.59 -16.51
N LEU A 221 -41.93 18.67 -17.18
CA LEU A 221 -40.95 19.04 -18.20
C LEU A 221 -41.51 18.90 -19.61
N GLY A 222 -42.74 18.43 -19.71
CA GLY A 222 -43.36 18.18 -21.00
C GLY A 222 -43.01 16.80 -21.50
N THR A 223 -43.93 16.18 -22.24
CA THR A 223 -43.66 14.88 -22.81
C THR A 223 -42.59 15.00 -23.90
N PRO A 224 -41.52 14.20 -23.80
CA PRO A 224 -40.42 14.27 -24.77
C PRO A 224 -40.82 13.74 -26.15
N ASP A 225 -40.39 14.43 -27.20
CA ASP A 225 -40.57 13.95 -28.56
C ASP A 225 -39.21 13.74 -29.21
N GLU A 226 -39.19 13.39 -30.49
CA GLU A 226 -37.95 13.11 -31.20
C GLU A 226 -37.06 14.35 -31.36
N VAL A 227 -37.64 15.53 -31.21
CA VAL A 227 -36.88 16.77 -31.34
C VAL A 227 -36.03 17.05 -30.09
N VAL A 228 -36.66 17.03 -28.93
CA VAL A 228 -35.96 17.30 -27.68
C VAL A 228 -35.07 16.11 -27.29
N TRP A 229 -35.45 14.92 -27.75
CA TRP A 229 -34.73 13.69 -27.38
C TRP A 229 -34.78 12.67 -28.51
N PRO A 230 -33.85 12.79 -29.47
CA PRO A 230 -33.83 11.85 -30.60
C PRO A 230 -33.69 10.40 -30.15
N GLY A 231 -34.50 9.52 -30.70
CA GLY A 231 -34.46 8.11 -30.35
C GLY A 231 -35.45 7.70 -29.26
N VAL A 232 -36.10 8.70 -28.65
CA VAL A 232 -36.97 8.44 -27.50
C VAL A 232 -38.16 7.53 -27.84
N THR A 233 -38.72 7.68 -29.03
CA THR A 233 -39.89 6.89 -29.43
C THR A 233 -39.52 5.46 -29.75
N SER A 234 -38.23 5.18 -29.86
CA SER A 234 -37.75 3.83 -30.16
C SER A 234 -37.32 3.08 -28.91
N MET A 235 -37.34 3.77 -27.77
CA MET A 235 -36.95 3.16 -26.51
C MET A 235 -37.91 2.05 -26.10
N PRO A 236 -37.36 0.97 -25.52
CA PRO A 236 -38.08 -0.28 -25.22
C PRO A 236 -39.43 -0.08 -24.52
N ASP A 237 -39.51 0.90 -23.62
CA ASP A 237 -40.73 1.08 -22.85
C ASP A 237 -41.49 2.36 -23.20
N TYR A 238 -41.13 2.99 -24.31
CA TYR A 238 -41.91 4.10 -24.80
C TYR A 238 -43.23 3.58 -25.36
N LYS A 239 -44.30 4.35 -25.19
CA LYS A 239 -45.59 3.99 -25.76
C LYS A 239 -46.22 5.21 -26.42
N PRO A 240 -46.72 5.04 -27.65
CA PRO A 240 -47.34 6.15 -28.38
C PRO A 240 -48.59 6.67 -27.66
N SER A 241 -49.12 5.88 -26.74
CA SER A 241 -50.32 6.26 -26.01
C SER A 241 -50.03 7.22 -24.86
N PHE A 242 -48.75 7.40 -24.54
CA PHE A 242 -48.36 8.38 -23.53
C PHE A 242 -49.10 9.69 -23.77
N PRO A 243 -49.72 10.25 -22.73
CA PRO A 243 -50.32 11.57 -22.88
C PRO A 243 -49.24 12.56 -23.25
N LYS A 244 -49.56 13.55 -24.08
CA LYS A 244 -48.56 14.52 -24.50
C LYS A 244 -48.75 15.86 -23.81
N TRP A 245 -48.01 16.05 -22.73
CA TRP A 245 -48.12 17.26 -21.91
C TRP A 245 -47.19 18.36 -22.41
N ALA A 246 -47.68 19.59 -22.37
CA ALA A 246 -46.87 20.75 -22.72
C ALA A 246 -45.80 20.96 -21.66
N ARG A 247 -44.65 21.48 -22.09
CA ARG A 247 -43.60 21.84 -21.15
C ARG A 247 -43.96 23.17 -20.52
N GLN A 248 -43.82 23.26 -19.19
CA GLN A 248 -44.13 24.50 -18.50
C GLN A 248 -42.88 25.32 -18.15
N ASP A 249 -43.05 26.63 -18.04
CA ASP A 249 -41.96 27.52 -17.65
C ASP A 249 -41.29 27.00 -16.39
N PHE A 250 -39.96 27.03 -16.37
CA PHE A 250 -39.20 26.58 -15.22
C PHE A 250 -39.40 27.51 -14.04
N SER A 251 -39.77 28.74 -14.31
CA SER A 251 -40.05 29.71 -13.26
C SER A 251 -41.20 29.20 -12.39
N LYS A 252 -41.95 28.25 -12.92
CA LYS A 252 -43.09 27.69 -12.21
C LYS A 252 -42.76 26.36 -11.54
N VAL A 253 -41.68 25.72 -11.97
CA VAL A 253 -41.27 24.46 -11.38
C VAL A 253 -40.65 24.67 -9.99
N VAL A 254 -39.83 25.71 -9.88
CA VAL A 254 -39.20 26.07 -8.61
C VAL A 254 -39.19 27.59 -8.49
N PRO A 255 -40.36 28.16 -8.15
CA PRO A 255 -40.62 29.61 -8.17
C PRO A 255 -39.60 30.49 -7.44
N PRO A 256 -39.06 30.05 -6.29
CA PRO A 256 -38.07 30.88 -5.57
C PRO A 256 -36.74 31.02 -6.31
N LEU A 257 -36.44 30.09 -7.21
CA LEU A 257 -35.15 30.09 -7.90
C LEU A 257 -35.04 31.28 -8.83
N ASP A 258 -33.86 31.87 -8.90
CA ASP A 258 -33.63 32.99 -9.82
C ASP A 258 -33.11 32.49 -11.17
N GLU A 259 -32.80 33.43 -12.06
CA GLU A 259 -32.41 33.11 -13.43
C GLU A 259 -31.30 32.07 -13.52
N ASP A 260 -30.19 32.32 -12.80
CA ASP A 260 -29.05 31.42 -12.84
C ASP A 260 -29.40 30.01 -12.35
N GLY A 261 -30.10 29.93 -11.22
CA GLY A 261 -30.49 28.65 -10.65
C GLY A 261 -31.38 27.86 -11.59
N ARG A 262 -32.35 28.54 -12.19
CA ARG A 262 -33.26 27.89 -13.13
C ARG A 262 -32.52 27.38 -14.35
N SER A 263 -31.53 28.16 -14.81
CA SER A 263 -30.69 27.75 -15.91
C SER A 263 -29.99 26.42 -15.59
N LEU A 264 -29.32 26.37 -14.45
CA LEU A 264 -28.58 25.18 -14.06
C LEU A 264 -29.50 23.97 -13.87
N LEU A 265 -30.63 24.18 -13.21
CA LEU A 265 -31.58 23.10 -12.97
C LEU A 265 -32.05 22.49 -14.30
N SER A 266 -32.39 23.34 -15.25
CA SER A 266 -32.92 22.86 -16.53
C SER A 266 -31.90 22.02 -17.29
N GLN A 267 -30.62 22.36 -17.14
CA GLN A 267 -29.56 21.61 -17.79
C GLN A 267 -29.31 20.27 -17.10
N MET A 268 -29.54 20.24 -15.79
CA MET A 268 -29.40 19.01 -15.01
C MET A 268 -30.58 18.05 -15.27
N LEU A 269 -31.68 18.60 -15.76
CA LEU A 269 -32.89 17.80 -15.99
C LEU A 269 -33.22 17.67 -17.48
N HIS A 270 -32.21 17.85 -18.32
CA HIS A 270 -32.38 17.65 -19.75
C HIS A 270 -32.80 16.20 -20.03
N TYR A 271 -33.78 16.01 -20.89
CA TYR A 271 -34.23 14.66 -21.20
C TYR A 271 -33.11 13.82 -21.82
N ASP A 272 -32.46 14.38 -22.82
CA ASP A 272 -31.41 13.68 -23.54
C ASP A 272 -30.15 13.61 -22.68
N PRO A 273 -29.78 12.39 -22.25
CA PRO A 273 -28.59 12.18 -21.42
C PRO A 273 -27.34 12.78 -22.05
N ASN A 274 -27.30 12.86 -23.38
CA ASN A 274 -26.17 13.43 -24.09
C ASN A 274 -26.10 14.95 -23.93
N LYS A 275 -27.26 15.58 -23.73
CA LYS A 275 -27.32 17.03 -23.59
C LYS A 275 -27.26 17.43 -22.13
N ARG A 276 -27.65 16.52 -21.24
CA ARG A 276 -27.66 16.79 -19.81
C ARG A 276 -26.26 17.16 -19.36
N ILE A 277 -26.17 18.22 -18.55
CA ILE A 277 -24.89 18.76 -18.12
C ILE A 277 -24.11 17.76 -17.26
N SER A 278 -22.79 17.74 -17.40
CA SER A 278 -21.95 16.90 -16.57
C SER A 278 -21.63 17.64 -15.29
N ALA A 279 -21.29 16.91 -14.23
CA ALA A 279 -20.93 17.51 -12.95
C ALA A 279 -19.74 18.46 -13.13
N LYS A 280 -18.78 18.03 -13.93
CA LYS A 280 -17.59 18.83 -14.22
C LYS A 280 -17.96 20.18 -14.84
N ALA A 281 -18.76 20.14 -15.90
CA ALA A 281 -19.15 21.37 -16.57
C ALA A 281 -20.03 22.26 -15.69
N ALA A 282 -20.77 21.65 -14.77
CA ALA A 282 -21.70 22.39 -13.92
C ALA A 282 -20.96 23.24 -12.87
N LEU A 283 -19.77 22.80 -12.48
CA LEU A 283 -18.97 23.53 -11.49
C LEU A 283 -18.73 24.97 -11.91
N ALA A 284 -18.74 25.22 -13.21
CA ALA A 284 -18.43 26.54 -13.74
C ALA A 284 -19.67 27.32 -14.16
N HIS A 285 -20.84 26.89 -13.70
CA HIS A 285 -22.09 27.60 -13.99
C HIS A 285 -22.16 28.91 -13.20
N PRO A 286 -22.67 29.98 -13.83
CA PRO A 286 -22.74 31.29 -13.18
C PRO A 286 -23.49 31.26 -11.84
N PHE A 287 -24.33 30.25 -11.63
CA PHE A 287 -25.07 30.12 -10.37
C PHE A 287 -24.12 30.09 -9.16
N PHE A 288 -22.89 29.62 -9.38
CA PHE A 288 -21.95 29.46 -8.29
C PHE A 288 -20.96 30.62 -8.16
N GLN A 289 -21.17 31.69 -8.93
CA GLN A 289 -20.22 32.80 -8.96
C GLN A 289 -19.89 33.37 -7.58
N ASP A 290 -20.86 33.38 -6.67
CA ASP A 290 -20.64 33.93 -5.34
C ASP A 290 -20.76 32.88 -4.25
N VAL A 291 -20.32 31.65 -4.56
CA VAL A 291 -20.45 30.54 -3.61
C VAL A 291 -19.45 30.63 -2.47
N THR A 292 -19.91 30.31 -1.26
CA THR A 292 -19.04 30.18 -0.10
C THR A 292 -19.36 28.87 0.61
N LYS A 293 -18.75 28.64 1.77
CA LYS A 293 -18.99 27.42 2.53
C LYS A 293 -19.39 27.73 3.97
N PRO A 294 -20.60 28.29 4.17
CA PRO A 294 -21.07 28.63 5.50
C PRO A 294 -21.48 27.39 6.28
N VAL A 295 -21.45 27.46 7.61
CA VAL A 295 -21.91 26.38 8.46
C VAL A 295 -23.43 26.29 8.39
N PRO A 296 -24.00 25.12 8.72
CA PRO A 296 -25.46 24.98 8.74
C PRO A 296 -26.06 25.99 9.70
N HIS A 297 -27.21 26.56 9.35
CA HIS A 297 -27.84 27.58 10.19
C HIS A 297 -28.53 26.97 11.40
N LEU A 298 -28.55 25.65 11.46
CA LEU A 298 -29.20 24.94 12.55
C LEU A 298 -28.21 24.07 13.31
N ARG A 299 -28.41 23.93 14.62
CA ARG A 299 -27.61 23.01 15.42
C ARG A 299 -27.99 21.58 15.07
N LEU A 300 -27.00 20.77 14.69
CA LEU A 300 -27.27 19.41 14.26
C LEU A 300 -27.42 18.45 15.45
N PRO B 6 -17.50 10.41 -22.77
CA PRO B 6 -17.40 11.58 -23.65
C PRO B 6 -16.81 12.79 -22.93
N ASP B 7 -17.31 13.07 -21.73
CA ASP B 7 -16.82 14.20 -20.93
C ASP B 7 -15.73 13.73 -19.97
N TYR B 8 -15.71 12.44 -19.68
CA TYR B 8 -14.74 11.87 -18.75
C TYR B 8 -13.85 10.81 -19.40
N HIS B 9 -13.98 10.63 -20.71
CA HIS B 9 -13.21 9.59 -21.37
CA HIS B 9 -13.19 9.63 -21.43
C HIS B 9 -11.70 9.80 -21.19
N GLU B 10 -11.24 11.05 -21.31
CA GLU B 10 -9.82 11.34 -21.11
C GLU B 10 -9.40 11.18 -19.66
N ASP B 11 -10.20 11.71 -18.73
CA ASP B 11 -9.93 11.55 -17.30
C ASP B 11 -9.81 10.08 -16.93
N ILE B 12 -10.71 9.27 -17.47
CA ILE B 12 -10.77 7.86 -17.12
C ILE B 12 -9.59 7.09 -17.67
N HIS B 13 -9.22 7.36 -18.92
CA HIS B 13 -8.05 6.72 -19.52
C HIS B 13 -6.81 7.02 -18.70
N THR B 14 -6.62 8.29 -18.36
CA THR B 14 -5.50 8.71 -17.52
C THR B 14 -5.48 7.96 -16.20
N TYR B 15 -6.65 7.84 -15.57
CA TYR B 15 -6.75 7.13 -14.31
C TYR B 15 -6.40 5.65 -14.43
N LEU B 16 -6.92 5.00 -15.46
CA LEU B 16 -6.61 3.59 -15.70
C LEU B 16 -5.12 3.37 -15.97
N ARG B 17 -4.50 4.31 -16.70
CA ARG B 17 -3.06 4.24 -16.97
C ARG B 17 -2.28 4.25 -15.66
N GLU B 18 -2.75 5.06 -14.71
CA GLU B 18 -2.13 5.12 -13.40
C GLU B 18 -2.38 3.82 -12.62
N MET B 19 -3.63 3.39 -12.56
CA MET B 19 -3.97 2.19 -11.78
C MET B 19 -3.33 0.92 -12.32
N GLU B 20 -3.26 0.76 -13.63
CA GLU B 20 -2.73 -0.48 -14.22
C GLU B 20 -1.31 -0.76 -13.72
N VAL B 21 -0.58 0.30 -13.37
CA VAL B 21 0.77 0.15 -12.83
C VAL B 21 0.72 -0.32 -11.39
N LYS B 22 -0.21 0.24 -10.61
CA LYS B 22 -0.35 -0.16 -9.22
C LYS B 22 -0.92 -1.58 -9.08
N CYS B 23 -1.53 -2.10 -10.15
CA CYS B 23 -2.19 -3.39 -10.09
C CYS B 23 -1.46 -4.50 -10.85
N LYS B 24 -0.26 -4.19 -11.34
CA LYS B 24 0.50 -5.17 -12.11
C LYS B 24 1.00 -6.27 -11.18
N PRO B 25 0.84 -7.53 -11.61
CA PRO B 25 1.42 -8.65 -10.86
C PRO B 25 2.94 -8.58 -10.96
N LYS B 26 3.65 -9.36 -10.15
CA LYS B 26 5.10 -9.43 -10.28
C LYS B 26 5.47 -10.24 -11.51
N VAL B 27 6.25 -9.65 -12.40
CA VAL B 27 6.58 -10.27 -13.68
C VAL B 27 7.29 -11.62 -13.52
N GLY B 28 8.06 -11.78 -12.46
CA GLY B 28 8.84 -12.98 -12.28
C GLY B 28 8.36 -13.93 -11.20
N TYR B 29 7.07 -13.92 -10.89
CA TYR B 29 6.57 -14.72 -9.77
C TYR B 29 6.61 -16.23 -10.01
N MET B 30 6.45 -16.64 -11.26
CA MET B 30 6.34 -18.08 -11.55
C MET B 30 7.62 -18.83 -11.20
N LYS B 31 8.76 -18.19 -11.41
CA LYS B 31 10.05 -18.76 -11.04
C LYS B 31 10.12 -19.04 -9.54
N LYS B 32 9.48 -18.16 -8.77
CA LYS B 32 9.54 -18.26 -7.32
C LYS B 32 8.45 -19.17 -6.76
N GLN B 33 7.52 -19.60 -7.61
CA GLN B 33 6.54 -20.61 -7.23
C GLN B 33 7.18 -21.98 -7.40
N PRO B 34 7.46 -22.66 -6.28
CA PRO B 34 8.18 -23.94 -6.33
C PRO B 34 7.37 -25.06 -6.99
N ASP B 35 6.06 -25.07 -6.78
CA ASP B 35 5.27 -26.23 -7.18
C ASP B 35 4.26 -25.98 -8.30
N ILE B 36 4.32 -24.82 -8.94
CA ILE B 36 3.49 -24.57 -10.11
C ILE B 36 4.27 -23.93 -11.25
N THR B 37 3.79 -24.13 -12.47
CA THR B 37 4.49 -23.68 -13.66
C THR B 37 3.61 -22.84 -14.56
N ASN B 38 4.20 -22.23 -15.58
CA ASN B 38 3.45 -21.49 -16.58
C ASN B 38 2.40 -22.37 -17.22
N SER B 39 2.76 -23.63 -17.46
CA SER B 39 1.88 -24.58 -18.12
C SER B 39 0.62 -24.84 -17.30
N MET B 40 0.80 -25.08 -16.00
CA MET B 40 -0.34 -25.29 -15.10
C MET B 40 -1.26 -24.07 -15.09
N ARG B 41 -0.67 -22.88 -15.11
CA ARG B 41 -1.44 -21.65 -15.13
C ARG B 41 -2.22 -21.54 -16.43
N ALA B 42 -1.58 -21.91 -17.53
CA ALA B 42 -2.20 -21.87 -18.85
C ALA B 42 -3.41 -22.80 -18.90
N ILE B 43 -3.31 -23.93 -18.23
CA ILE B 43 -4.40 -24.88 -18.16
C ILE B 43 -5.56 -24.31 -17.34
N LEU B 44 -5.22 -23.63 -16.24
CA LEU B 44 -6.22 -22.99 -15.39
C LEU B 44 -7.00 -21.91 -16.14
N VAL B 45 -6.28 -20.97 -16.75
CA VAL B 45 -6.91 -19.88 -17.47
C VAL B 45 -7.80 -20.40 -18.60
N ASP B 46 -7.31 -21.39 -19.33
CA ASP B 46 -8.07 -21.98 -20.42
C ASP B 46 -9.39 -22.55 -19.92
N TRP B 47 -9.34 -23.15 -18.74
CA TRP B 47 -10.53 -23.70 -18.10
C TRP B 47 -11.49 -22.59 -17.67
N LEU B 48 -10.95 -21.49 -17.16
CA LEU B 48 -11.78 -20.34 -16.79
C LEU B 48 -12.48 -19.77 -18.02
N VAL B 49 -11.79 -19.77 -19.16
CA VAL B 49 -12.42 -19.37 -20.41
C VAL B 49 -13.65 -20.22 -20.67
N GLU B 50 -13.52 -21.53 -20.47
CA GLU B 50 -14.63 -22.45 -20.62
C GLU B 50 -15.76 -22.14 -19.65
N VAL B 51 -15.39 -21.89 -18.38
CA VAL B 51 -16.39 -21.54 -17.38
C VAL B 51 -17.13 -20.29 -17.82
N GLY B 52 -16.38 -19.30 -18.30
CA GLY B 52 -16.96 -18.07 -18.82
C GLY B 52 -18.01 -18.32 -19.89
N GLU B 53 -17.67 -19.13 -20.88
CA GLU B 53 -18.62 -19.48 -21.95
C GLU B 53 -19.82 -20.24 -21.42
N GLU B 54 -19.57 -21.24 -20.58
CA GLU B 54 -20.63 -22.06 -20.02
C GLU B 54 -21.69 -21.22 -19.32
N TYR B 55 -21.26 -20.18 -18.61
CA TYR B 55 -22.20 -19.36 -17.85
C TYR B 55 -22.47 -18.01 -18.49
N LYS B 56 -21.97 -17.83 -19.71
CA LYS B 56 -22.20 -16.61 -20.46
C LYS B 56 -21.79 -15.38 -19.64
N LEU B 57 -20.57 -15.42 -19.12
CA LEU B 57 -20.04 -14.30 -18.36
C LEU B 57 -19.38 -13.30 -19.31
N GLN B 58 -19.27 -12.05 -18.86
CA GLN B 58 -18.59 -11.02 -19.63
C GLN B 58 -17.11 -11.36 -19.80
N ASN B 59 -16.51 -10.90 -20.88
CA ASN B 59 -15.07 -11.04 -21.05
C ASN B 59 -14.33 -10.26 -19.98
N GLU B 60 -14.88 -9.12 -19.57
CA GLU B 60 -14.29 -8.31 -18.52
C GLU B 60 -14.09 -9.14 -17.27
N THR B 61 -15.10 -9.96 -16.95
CA THR B 61 -15.05 -10.82 -15.78
C THR B 61 -13.88 -11.80 -15.84
N LEU B 62 -13.67 -12.39 -17.02
CA LEU B 62 -12.54 -13.28 -17.26
C LEU B 62 -11.23 -12.54 -17.01
N HIS B 63 -11.09 -11.38 -17.65
CA HIS B 63 -9.88 -10.57 -17.49
C HIS B 63 -9.60 -10.19 -16.03
N LEU B 64 -10.65 -9.84 -15.29
CA LEU B 64 -10.49 -9.51 -13.88
C LEU B 64 -10.01 -10.70 -13.07
N ALA B 65 -10.65 -11.85 -13.27
CA ALA B 65 -10.30 -13.07 -12.54
C ALA B 65 -8.82 -13.39 -12.71
N VAL B 66 -8.32 -13.29 -13.95
CA VAL B 66 -6.93 -13.56 -14.24
C VAL B 66 -6.00 -12.58 -13.51
N ASN B 67 -6.37 -11.30 -13.49
CA ASN B 67 -5.63 -10.30 -12.72
C ASN B 67 -5.57 -10.64 -11.24
N TYR B 68 -6.68 -11.12 -10.68
CA TYR B 68 -6.74 -11.51 -9.27
C TYR B 68 -5.81 -12.69 -9.00
N ILE B 69 -5.81 -13.65 -9.93
CA ILE B 69 -5.01 -14.84 -9.79
C ILE B 69 -3.52 -14.52 -9.78
N ASP B 70 -3.08 -13.76 -10.78
CA ASP B 70 -1.66 -13.41 -10.90
C ASP B 70 -1.18 -12.57 -9.72
N ARG B 71 -2.00 -11.65 -9.25
CA ARG B 71 -1.66 -10.86 -8.07
C ARG B 71 -1.58 -11.74 -6.84
N PHE B 72 -2.50 -12.68 -6.74
CA PHE B 72 -2.51 -13.62 -5.62
C PHE B 72 -1.25 -14.48 -5.60
N LEU B 73 -0.90 -15.01 -6.77
CA LEU B 73 0.27 -15.86 -6.91
C LEU B 73 1.57 -15.06 -6.80
N SER B 74 1.46 -13.75 -6.94
CA SER B 74 2.63 -12.87 -6.81
C SER B 74 3.11 -12.76 -5.38
N SER B 75 2.24 -13.10 -4.43
CA SER B 75 2.59 -12.96 -3.01
C SER B 75 2.27 -14.20 -2.16
N MET B 76 1.63 -15.20 -2.76
CA MET B 76 1.30 -16.43 -2.03
C MET B 76 1.80 -17.67 -2.76
N SER B 77 2.52 -18.54 -2.05
CA SER B 77 2.92 -19.82 -2.60
C SER B 77 1.74 -20.78 -2.56
N VAL B 78 1.54 -21.50 -3.66
CA VAL B 78 0.41 -22.42 -3.77
C VAL B 78 0.85 -23.76 -4.35
N LEU B 79 0.43 -24.84 -3.71
CA LEU B 79 0.68 -26.17 -4.24
C LEU B 79 -0.23 -26.42 -5.44
N ARG B 80 0.19 -27.29 -6.35
CA ARG B 80 -0.56 -27.52 -7.58
C ARG B 80 -2.00 -27.96 -7.32
N GLY B 81 -2.22 -28.71 -6.25
CA GLY B 81 -3.54 -29.23 -5.93
C GLY B 81 -4.50 -28.17 -5.42
N LYS B 82 -3.99 -26.96 -5.19
CA LYS B 82 -4.84 -25.87 -4.69
C LYS B 82 -4.98 -24.74 -5.72
N LEU B 83 -4.31 -24.88 -6.85
CA LEU B 83 -4.33 -23.85 -7.88
C LEU B 83 -5.75 -23.57 -8.36
N GLN B 84 -6.52 -24.63 -8.60
CA GLN B 84 -7.87 -24.47 -9.13
C GLN B 84 -8.77 -23.78 -8.11
N LEU B 85 -8.52 -24.02 -6.84
CA LEU B 85 -9.30 -23.37 -5.78
C LEU B 85 -9.09 -21.86 -5.83
N VAL B 86 -7.83 -21.44 -6.00
CA VAL B 86 -7.51 -20.03 -6.17
C VAL B 86 -8.27 -19.46 -7.36
N GLY B 87 -8.22 -20.19 -8.48
CA GLY B 87 -8.91 -19.77 -9.69
C GLY B 87 -10.41 -19.70 -9.54
N THR B 88 -10.98 -20.67 -8.84
CA THR B 88 -12.43 -20.70 -8.62
C THR B 88 -12.91 -19.50 -7.80
N ALA B 89 -12.22 -19.24 -6.68
CA ALA B 89 -12.56 -18.10 -5.83
C ALA B 89 -12.39 -16.77 -6.57
N ALA B 90 -11.33 -16.68 -7.38
CA ALA B 90 -11.08 -15.47 -8.16
C ALA B 90 -12.21 -15.18 -9.14
N MET B 91 -12.70 -16.24 -9.78
CA MET B 91 -13.79 -16.11 -10.76
C MET B 91 -15.09 -15.72 -10.08
N LEU B 92 -15.32 -16.26 -8.88
CA LEU B 92 -16.47 -15.90 -8.07
C LEU B 92 -16.44 -14.43 -7.69
N LEU B 93 -15.28 -13.96 -7.23
CA LEU B 93 -15.11 -12.56 -6.86
C LEU B 93 -15.30 -11.65 -8.06
N ALA B 94 -14.68 -12.01 -9.18
CA ALA B 94 -14.81 -11.24 -10.41
C ALA B 94 -16.27 -11.16 -10.83
N SER B 95 -16.97 -12.29 -10.78
CA SER B 95 -18.38 -12.35 -11.14
C SER B 95 -19.21 -11.40 -10.26
N LYS B 96 -19.01 -11.50 -8.95
CA LYS B 96 -19.72 -10.64 -8.01
C LYS B 96 -19.47 -9.17 -8.29
N PHE B 97 -18.22 -8.82 -8.60
CA PHE B 97 -17.86 -7.44 -8.86
C PHE B 97 -18.48 -6.91 -10.16
N GLU B 98 -18.42 -7.74 -11.20
CA GLU B 98 -18.66 -7.28 -12.57
C GLU B 98 -20.01 -7.67 -13.18
N GLU B 99 -20.57 -8.80 -12.73
CA GLU B 99 -21.78 -9.35 -13.35
C GLU B 99 -23.08 -8.82 -12.76
N ILE B 100 -24.07 -8.62 -13.62
CA ILE B 100 -25.42 -8.28 -13.18
C ILE B 100 -26.01 -9.46 -12.42
N TYR B 101 -25.87 -10.65 -13.00
CA TYR B 101 -26.34 -11.88 -12.37
C TYR B 101 -25.18 -12.87 -12.23
N PRO B 102 -24.39 -12.73 -11.15
CA PRO B 102 -23.32 -13.70 -10.93
C PRO B 102 -23.87 -15.09 -10.63
N PRO B 103 -23.21 -16.14 -11.12
CA PRO B 103 -23.61 -17.51 -10.78
C PRO B 103 -23.56 -17.69 -9.27
N GLU B 104 -24.38 -18.57 -8.72
CA GLU B 104 -24.37 -18.80 -7.29
C GLU B 104 -23.18 -19.66 -6.88
N VAL B 105 -22.79 -19.57 -5.61
CA VAL B 105 -21.63 -20.29 -5.11
C VAL B 105 -21.71 -21.78 -5.43
N ALA B 106 -22.91 -22.34 -5.30
CA ALA B 106 -23.11 -23.77 -5.54
C ALA B 106 -22.64 -24.14 -6.95
N GLU B 107 -22.87 -23.25 -7.91
CA GLU B 107 -22.47 -23.50 -9.29
C GLU B 107 -20.96 -23.48 -9.46
N PHE B 108 -20.28 -22.60 -8.72
CA PHE B 108 -18.82 -22.59 -8.72
C PHE B 108 -18.26 -23.85 -8.08
N VAL B 109 -18.95 -24.37 -7.07
CA VAL B 109 -18.57 -25.62 -6.44
C VAL B 109 -18.77 -26.78 -7.42
N TYR B 110 -19.83 -26.69 -8.20
CA TYR B 110 -20.19 -27.74 -9.16
C TYR B 110 -19.19 -27.89 -10.30
N ILE B 111 -18.69 -26.77 -10.82
CA ILE B 111 -17.78 -26.79 -11.97
C ILE B 111 -16.39 -27.35 -11.63
N THR B 112 -16.04 -27.34 -10.34
CA THR B 112 -14.78 -27.93 -9.91
C THR B 112 -14.89 -29.44 -9.85
N ASP B 113 -16.00 -29.97 -10.35
CA ASP B 113 -16.26 -31.41 -10.38
C ASP B 113 -16.14 -32.02 -8.97
N ASP B 114 -16.55 -31.24 -7.98
CA ASP B 114 -16.50 -31.68 -6.58
C ASP B 114 -15.08 -31.90 -6.05
N THR B 115 -14.13 -31.17 -6.61
CA THR B 115 -12.75 -31.23 -6.11
C THR B 115 -12.65 -30.50 -4.77
N TYR B 116 -13.47 -29.47 -4.61
CA TYR B 116 -13.49 -28.70 -3.37
C TYR B 116 -14.92 -28.55 -2.83
N THR B 117 -15.03 -28.22 -1.56
CA THR B 117 -16.32 -28.01 -0.92
C THR B 117 -16.73 -26.55 -0.98
N LYS B 118 -18.00 -26.29 -0.70
CA LYS B 118 -18.50 -24.91 -0.63
C LYS B 118 -17.72 -24.16 0.45
N LYS B 119 -17.44 -24.83 1.56
CA LYS B 119 -16.69 -24.23 2.64
C LYS B 119 -15.30 -23.78 2.18
N GLN B 120 -14.64 -24.64 1.43
CA GLN B 120 -13.31 -24.30 0.90
C GLN B 120 -13.36 -23.09 -0.03
N VAL B 121 -14.35 -23.07 -0.92
CA VAL B 121 -14.48 -21.99 -1.89
C VAL B 121 -14.72 -20.64 -1.20
N LEU B 122 -15.54 -20.63 -0.17
CA LEU B 122 -15.84 -19.40 0.54
C LEU B 122 -14.67 -18.91 1.42
N ARG B 123 -13.97 -19.84 2.04
CA ARG B 123 -12.79 -19.47 2.83
C ARG B 123 -11.72 -18.88 1.94
N MET B 124 -11.52 -19.49 0.77
CA MET B 124 -10.53 -18.97 -0.18
C MET B 124 -10.93 -17.58 -0.69
N GLU B 125 -12.22 -17.37 -0.92
CA GLU B 125 -12.70 -16.06 -1.34
C GLU B 125 -12.26 -14.99 -0.34
N HIS B 126 -12.41 -15.29 0.95
CA HIS B 126 -12.03 -14.36 1.99
C HIS B 126 -10.51 -14.14 2.00
N LEU B 127 -9.76 -15.20 1.75
CA LEU B 127 -8.31 -15.12 1.72
C LEU B 127 -7.85 -14.27 0.53
N VAL B 128 -8.46 -14.49 -0.63
CA VAL B 128 -8.14 -13.69 -1.82
C VAL B 128 -8.41 -12.22 -1.55
N LEU B 129 -9.56 -11.92 -0.97
CA LEU B 129 -9.90 -10.55 -0.58
C LEU B 129 -8.87 -9.95 0.35
N LYS B 130 -8.45 -10.71 1.35
CA LYS B 130 -7.43 -10.25 2.28
C LYS B 130 -6.10 -9.98 1.57
N VAL B 131 -5.68 -10.91 0.72
CA VAL B 131 -4.41 -10.79 0.02
C VAL B 131 -4.41 -9.62 -0.97
N LEU B 132 -5.51 -9.46 -1.69
CA LEU B 132 -5.63 -8.34 -2.63
C LEU B 132 -6.04 -7.07 -1.90
N THR B 133 -6.20 -7.18 -0.58
CA THR B 133 -6.69 -6.08 0.24
C THR B 133 -7.92 -5.37 -0.34
N PHE B 134 -8.84 -6.19 -0.86
CA PHE B 134 -10.14 -5.71 -1.35
C PHE B 134 -10.04 -4.79 -2.57
N ASP B 135 -8.86 -4.70 -3.18
CA ASP B 135 -8.67 -3.85 -4.35
C ASP B 135 -8.98 -4.61 -5.64
N LEU B 136 -10.26 -4.64 -6.00
CA LEU B 136 -10.73 -5.47 -7.11
C LEU B 136 -10.97 -4.71 -8.41
N ALA B 137 -10.98 -3.39 -8.35
CA ALA B 137 -11.28 -2.59 -9.55
C ALA B 137 -10.04 -2.35 -10.39
N ALA B 138 -9.48 -3.43 -10.93
CA ALA B 138 -8.25 -3.34 -11.71
C ALA B 138 -8.52 -3.09 -13.19
N PRO B 139 -7.68 -2.27 -13.83
CA PRO B 139 -7.75 -2.08 -15.28
C PRO B 139 -7.44 -3.38 -16.01
N THR B 140 -8.09 -3.61 -17.14
CA THR B 140 -7.90 -4.83 -17.92
C THR B 140 -7.60 -4.50 -19.37
N VAL B 141 -7.08 -5.49 -20.10
CA VAL B 141 -6.85 -5.33 -21.52
C VAL B 141 -8.17 -4.96 -22.18
N ASN B 142 -9.24 -5.56 -21.68
CA ASN B 142 -10.58 -5.34 -22.21
C ASN B 142 -11.02 -3.87 -22.10
N GLN B 143 -10.82 -3.29 -20.93
CA GLN B 143 -11.20 -1.90 -20.70
C GLN B 143 -10.47 -0.94 -21.64
N PHE B 144 -9.18 -1.16 -21.88
CA PHE B 144 -8.43 -0.34 -22.82
C PHE B 144 -8.86 -0.56 -24.27
N LEU B 145 -9.18 -1.80 -24.61
CA LEU B 145 -9.63 -2.13 -25.96
C LEU B 145 -10.90 -1.37 -26.35
N THR B 146 -11.88 -1.36 -25.45
CA THR B 146 -13.15 -0.74 -25.75
C THR B 146 -12.97 0.77 -25.96
N GLN B 147 -12.03 1.36 -25.24
CA GLN B 147 -11.66 2.74 -25.48
C GLN B 147 -11.02 2.92 -26.87
N TYR B 148 -10.07 2.05 -27.19
CA TYR B 148 -9.39 2.14 -28.48
C TYR B 148 -10.37 1.97 -29.64
N PHE B 149 -11.39 1.12 -29.45
CA PHE B 149 -12.36 0.85 -30.49
C PHE B 149 -13.03 2.13 -31.01
N LEU B 150 -13.12 3.14 -30.14
CA LEU B 150 -13.77 4.39 -30.52
C LEU B 150 -12.99 5.17 -31.57
N HIS B 151 -11.78 4.72 -31.88
CA HIS B 151 -10.92 5.42 -32.83
C HIS B 151 -10.93 4.79 -34.22
N GLN B 152 -11.91 3.92 -34.47
CA GLN B 152 -12.07 3.32 -35.78
C GLN B 152 -12.82 4.28 -36.71
N GLN B 153 -12.50 4.23 -37.99
CA GLN B 153 -13.23 5.02 -38.98
C GLN B 153 -13.44 4.24 -40.29
N PRO B 154 -14.60 3.59 -40.42
CA PRO B 154 -15.63 3.53 -39.37
C PRO B 154 -15.41 2.32 -38.46
N ALA B 155 -16.40 2.03 -37.61
CA ALA B 155 -16.32 0.89 -36.71
C ALA B 155 -16.44 -0.42 -37.49
N ASN B 156 -15.66 -1.42 -37.09
CA ASN B 156 -15.68 -2.72 -37.76
C ASN B 156 -15.74 -3.86 -36.75
N CYS B 157 -16.83 -4.62 -36.80
CA CYS B 157 -17.06 -5.70 -35.85
C CYS B 157 -15.95 -6.76 -35.86
N LYS B 158 -15.48 -7.10 -37.06
CA LYS B 158 -14.44 -8.11 -37.20
C LYS B 158 -13.15 -7.63 -36.55
N VAL B 159 -12.84 -6.35 -36.72
CA VAL B 159 -11.68 -5.76 -36.07
C VAL B 159 -11.82 -5.86 -34.55
N GLU B 160 -12.97 -5.43 -34.05
CA GLU B 160 -13.22 -5.43 -32.61
C GLU B 160 -13.16 -6.85 -32.03
N SER B 161 -13.88 -7.77 -32.66
CA SER B 161 -13.88 -9.16 -32.19
C SER B 161 -12.49 -9.79 -32.26
N LEU B 162 -11.75 -9.50 -33.33
CA LEU B 162 -10.41 -10.07 -33.49
C LEU B 162 -9.45 -9.50 -32.45
N ALA B 163 -9.62 -8.22 -32.12
CA ALA B 163 -8.79 -7.60 -31.09
C ALA B 163 -9.03 -8.23 -29.73
N MET B 164 -10.30 -8.45 -29.39
CA MET B 164 -10.65 -9.13 -28.15
C MET B 164 -10.11 -10.55 -28.12
N PHE B 165 -10.18 -11.23 -29.27
CA PHE B 165 -9.65 -12.58 -29.40
C PHE B 165 -8.15 -12.60 -29.08
N LEU B 166 -7.41 -11.68 -29.69
CA LEU B 166 -5.97 -11.59 -29.47
C LEU B 166 -5.61 -11.19 -28.04
N GLY B 167 -6.35 -10.23 -27.49
CA GLY B 167 -6.10 -9.79 -26.13
C GLY B 167 -6.30 -10.94 -25.16
N GLU B 168 -7.29 -11.78 -25.45
CA GLU B 168 -7.61 -12.92 -24.60
C GLU B 168 -6.53 -14.00 -24.69
N LEU B 169 -5.97 -14.18 -25.89
CA LEU B 169 -4.89 -15.14 -26.07
C LEU B 169 -3.71 -14.84 -25.14
N SER B 170 -3.47 -13.55 -24.91
CA SER B 170 -2.34 -13.15 -24.07
C SER B 170 -2.51 -13.56 -22.61
N LEU B 171 -3.76 -13.77 -22.19
CA LEU B 171 -4.05 -14.15 -20.80
C LEU B 171 -3.47 -15.53 -20.48
N ILE B 172 -3.39 -16.38 -21.48
CA ILE B 172 -3.01 -17.78 -21.30
C ILE B 172 -1.53 -17.97 -20.97
N ASP B 173 -0.68 -17.14 -21.56
CA ASP B 173 0.76 -17.36 -21.47
C ASP B 173 1.50 -16.30 -20.63
N ALA B 174 1.71 -16.61 -19.35
CA ALA B 174 2.41 -15.71 -18.44
C ALA B 174 3.76 -15.29 -19.03
N ASP B 175 4.46 -16.25 -19.63
CA ASP B 175 5.64 -15.94 -20.42
C ASP B 175 5.19 -15.94 -21.87
N PRO B 176 5.27 -14.77 -22.53
CA PRO B 176 5.92 -13.56 -22.04
C PRO B 176 5.00 -12.45 -21.53
N TYR B 177 3.69 -12.65 -21.52
CA TYR B 177 2.77 -11.52 -21.39
C TYR B 177 2.66 -10.86 -20.01
N LEU B 178 3.26 -11.45 -18.99
CA LEU B 178 3.30 -10.81 -17.68
C LEU B 178 4.15 -9.54 -17.69
N LYS B 179 4.99 -9.40 -18.71
CA LYS B 179 5.91 -8.27 -18.78
C LYS B 179 5.32 -7.03 -19.45
N TYR B 180 4.12 -7.15 -20.00
CA TYR B 180 3.47 -6.03 -20.68
C TYR B 180 2.24 -5.54 -19.92
N LEU B 181 2.07 -4.22 -19.87
CA LEU B 181 0.89 -3.63 -19.26
C LEU B 181 -0.35 -3.88 -20.11
N PRO B 182 -1.53 -3.88 -19.48
CA PRO B 182 -2.78 -4.09 -20.21
C PRO B 182 -2.97 -3.11 -21.37
N SER B 183 -2.65 -1.84 -21.15
CA SER B 183 -2.80 -0.83 -22.19
C SER B 183 -1.89 -1.10 -23.38
N VAL B 184 -0.75 -1.71 -23.12
CA VAL B 184 0.21 -2.02 -24.18
C VAL B 184 -0.22 -3.25 -24.98
N ILE B 185 -0.69 -4.28 -24.27
CA ILE B 185 -1.21 -5.47 -24.93
C ILE B 185 -2.44 -5.13 -25.77
N ALA B 186 -3.27 -4.24 -25.25
CA ALA B 186 -4.45 -3.78 -25.98
C ALA B 186 -4.02 -3.03 -27.24
N GLY B 187 -2.93 -2.27 -27.13
CA GLY B 187 -2.41 -1.55 -28.28
C GLY B 187 -2.01 -2.51 -29.38
N ALA B 188 -1.21 -3.51 -29.03
CA ALA B 188 -0.77 -4.52 -29.99
C ALA B 188 -1.97 -5.24 -30.59
N ALA B 189 -2.88 -5.68 -29.72
CA ALA B 189 -4.08 -6.39 -30.16
C ALA B 189 -4.88 -5.56 -31.16
N PHE B 190 -5.14 -4.29 -30.82
CA PHE B 190 -5.93 -3.45 -31.71
C PHE B 190 -5.25 -3.25 -33.07
N HIS B 191 -3.95 -2.98 -33.06
CA HIS B 191 -3.22 -2.78 -34.31
C HIS B 191 -3.20 -4.05 -35.15
N LEU B 192 -2.92 -5.18 -34.51
CA LEU B 192 -2.82 -6.45 -35.19
C LEU B 192 -4.14 -6.85 -35.83
N ALA B 193 -5.24 -6.58 -35.13
CA ALA B 193 -6.57 -6.89 -35.65
C ALA B 193 -6.91 -5.94 -36.80
N LEU B 194 -6.62 -4.68 -36.60
CA LEU B 194 -6.86 -3.66 -37.62
C LEU B 194 -6.13 -4.01 -38.90
N TYR B 195 -4.85 -4.33 -38.77
CA TYR B 195 -4.00 -4.68 -39.91
C TYR B 195 -4.48 -5.95 -40.60
N THR B 196 -4.85 -6.96 -39.81
CA THR B 196 -5.30 -8.24 -40.36
C THR B 196 -6.56 -8.09 -41.20
N VAL B 197 -7.54 -7.35 -40.66
CA VAL B 197 -8.84 -7.22 -41.31
C VAL B 197 -8.87 -6.17 -42.43
N THR B 198 -8.29 -5.00 -42.18
CA THR B 198 -8.43 -3.87 -43.10
C THR B 198 -7.13 -3.43 -43.75
N GLY B 199 -6.00 -3.81 -43.14
CA GLY B 199 -4.71 -3.37 -43.65
C GLY B 199 -4.29 -2.03 -43.08
N GLN B 200 -5.15 -1.47 -42.22
CA GLN B 200 -4.85 -0.20 -41.57
C GLN B 200 -3.93 -0.39 -40.38
N SER B 201 -3.49 0.71 -39.78
CA SER B 201 -2.55 0.65 -38.66
C SER B 201 -2.98 1.53 -37.49
N TRP B 202 -2.37 1.26 -36.34
CA TRP B 202 -2.44 2.14 -35.17
C TRP B 202 -2.61 3.59 -35.60
N PRO B 203 -3.83 4.13 -35.44
CA PRO B 203 -4.15 5.48 -35.95
C PRO B 203 -3.45 6.58 -35.16
N GLU B 204 -3.24 7.71 -35.82
CA GLU B 204 -2.55 8.84 -35.21
C GLU B 204 -3.31 9.39 -34.00
N SER B 205 -4.62 9.20 -33.98
CA SER B 205 -5.44 9.71 -32.87
C SER B 205 -5.17 8.94 -31.57
N LEU B 206 -4.74 7.68 -31.69
CA LEU B 206 -4.38 6.90 -30.52
C LEU B 206 -2.95 7.20 -30.06
N ILE B 207 -2.10 7.64 -30.99
CA ILE B 207 -0.78 8.13 -30.62
C ILE B 207 -0.93 9.35 -29.73
N ARG B 208 -1.85 10.24 -30.11
CA ARG B 208 -2.14 11.44 -29.32
C ARG B 208 -2.74 11.09 -27.97
N LYS B 209 -3.62 10.10 -27.94
CA LYS B 209 -4.31 9.71 -26.72
C LYS B 209 -3.41 8.95 -25.76
N THR B 210 -2.67 7.98 -26.29
CA THR B 210 -1.93 7.03 -25.46
C THR B 210 -0.45 7.38 -25.30
N GLY B 211 0.11 8.06 -26.28
CA GLY B 211 1.53 8.34 -26.29
C GLY B 211 2.34 7.20 -26.93
N TYR B 212 1.65 6.10 -27.22
CA TYR B 212 2.31 4.95 -27.84
C TYR B 212 2.41 5.12 -29.35
N THR B 213 3.54 4.70 -29.92
CA THR B 213 3.69 4.61 -31.36
C THR B 213 3.84 3.15 -31.75
N LEU B 214 3.91 2.88 -33.04
CA LEU B 214 4.14 1.50 -33.50
C LEU B 214 5.47 0.97 -32.98
N GLU B 215 6.49 1.83 -32.92
CA GLU B 215 7.78 1.42 -32.39
C GLU B 215 7.66 1.05 -30.92
N SER B 216 6.92 1.87 -30.18
CA SER B 216 6.69 1.63 -28.77
C SER B 216 6.00 0.28 -28.55
N LEU B 217 5.09 -0.07 -29.45
CA LEU B 217 4.30 -1.30 -29.31
C LEU B 217 4.99 -2.52 -29.92
N LYS B 218 6.10 -2.30 -30.61
CA LYS B 218 6.74 -3.34 -31.41
C LYS B 218 7.10 -4.63 -30.65
N PRO B 219 7.79 -4.50 -29.50
CA PRO B 219 8.14 -5.72 -28.76
C PRO B 219 6.92 -6.59 -28.45
N CYS B 220 5.88 -6.00 -27.88
CA CYS B 220 4.66 -6.74 -27.58
C CYS B 220 4.02 -7.26 -28.87
N LEU B 221 4.08 -6.43 -29.91
CA LEU B 221 3.50 -6.79 -31.20
C LEU B 221 4.19 -8.02 -31.78
N MET B 222 5.52 -8.04 -31.74
CA MET B 222 6.30 -9.18 -32.22
C MET B 222 5.85 -10.47 -31.52
N ASP B 223 5.70 -10.41 -30.20
CA ASP B 223 5.24 -11.57 -29.44
C ASP B 223 3.83 -11.97 -29.86
N LEU B 224 2.91 -11.02 -29.80
CA LEU B 224 1.51 -11.30 -30.09
C LEU B 224 1.34 -11.92 -31.47
N HIS B 225 2.08 -11.40 -32.44
CA HIS B 225 2.02 -11.92 -33.81
C HIS B 225 2.39 -13.39 -33.87
N GLN B 226 3.41 -13.78 -33.10
CA GLN B 226 3.83 -15.17 -33.04
C GLN B 226 2.76 -16.04 -32.39
N THR B 227 2.20 -15.57 -31.28
CA THR B 227 1.14 -16.29 -30.59
C THR B 227 -0.03 -16.54 -31.53
N TYR B 228 -0.33 -15.53 -32.35
CA TYR B 228 -1.41 -15.58 -33.33
C TYR B 228 -1.14 -16.65 -34.39
N LEU B 229 0.10 -16.69 -34.88
CA LEU B 229 0.48 -17.64 -35.92
C LEU B 229 0.46 -19.07 -35.41
N LYS B 230 0.77 -19.25 -34.13
CA LYS B 230 0.91 -20.58 -33.54
C LYS B 230 -0.36 -21.04 -32.82
N ALA B 231 -1.35 -20.16 -32.72
CA ALA B 231 -2.56 -20.45 -31.94
C ALA B 231 -3.20 -21.81 -32.25
N PRO B 232 -3.28 -22.19 -33.54
CA PRO B 232 -3.87 -23.50 -33.87
C PRO B 232 -3.09 -24.68 -33.31
N GLN B 233 -1.83 -24.47 -32.94
CA GLN B 233 -0.97 -25.55 -32.43
C GLN B 233 -0.74 -25.46 -30.92
N HIS B 234 -1.28 -24.42 -30.29
CA HIS B 234 -1.16 -24.26 -28.85
C HIS B 234 -1.92 -25.37 -28.13
N ALA B 235 -1.40 -25.79 -26.98
CA ALA B 235 -2.02 -26.88 -26.21
C ALA B 235 -3.42 -26.50 -25.69
N GLN B 236 -3.63 -25.22 -25.45
CA GLN B 236 -4.92 -24.70 -25.01
C GLN B 236 -5.71 -24.14 -26.19
N GLN B 237 -6.97 -24.56 -26.33
CA GLN B 237 -7.77 -24.21 -27.51
C GLN B 237 -9.11 -23.55 -27.20
N SER B 238 -9.47 -23.47 -25.92
CA SER B 238 -10.78 -22.94 -25.53
C SER B 238 -11.09 -21.57 -26.12
N ILE B 239 -10.07 -20.73 -26.26
CA ILE B 239 -10.28 -19.39 -26.80
C ILE B 239 -10.60 -19.40 -28.30
N ARG B 240 -9.85 -20.19 -29.08
CA ARG B 240 -10.15 -20.34 -30.49
C ARG B 240 -11.56 -20.88 -30.71
N GLU B 241 -11.91 -21.92 -29.95
CA GLU B 241 -13.23 -22.52 -30.03
C GLU B 241 -14.30 -21.47 -29.73
N LYS B 242 -14.08 -20.71 -28.66
CA LYS B 242 -15.00 -19.66 -28.25
C LYS B 242 -15.21 -18.65 -29.37
N TYR B 243 -14.12 -18.21 -29.99
CA TYR B 243 -14.19 -17.19 -31.04
C TYR B 243 -14.49 -17.75 -32.44
N LYS B 244 -14.90 -19.02 -32.49
CA LYS B 244 -15.47 -19.59 -33.71
C LYS B 244 -16.93 -19.17 -33.81
N ASN B 245 -17.50 -18.82 -32.66
CA ASN B 245 -18.92 -18.53 -32.54
C ASN B 245 -19.33 -17.27 -33.29
N SER B 246 -20.50 -17.32 -33.91
CA SER B 246 -21.04 -16.19 -34.65
C SER B 246 -21.15 -14.94 -33.79
N LYS B 247 -21.16 -15.14 -32.48
CA LYS B 247 -21.25 -14.04 -31.52
C LYS B 247 -20.04 -13.13 -31.64
N TYR B 248 -18.91 -13.70 -32.02
CA TYR B 248 -17.67 -12.95 -32.19
C TYR B 248 -17.25 -12.97 -33.64
N HIS B 249 -18.25 -13.16 -34.51
CA HIS B 249 -18.05 -13.07 -35.96
C HIS B 249 -17.02 -14.06 -36.48
N GLY B 250 -16.87 -15.17 -35.77
CA GLY B 250 -15.98 -16.24 -36.19
C GLY B 250 -14.57 -15.78 -36.52
N VAL B 251 -14.09 -14.76 -35.81
CA VAL B 251 -12.79 -14.17 -36.11
C VAL B 251 -11.61 -15.11 -35.92
N SER B 252 -11.79 -16.16 -35.12
CA SER B 252 -10.70 -17.11 -34.87
C SER B 252 -10.49 -18.03 -36.07
N LEU B 253 -11.27 -17.82 -37.13
CA LEU B 253 -11.12 -18.59 -38.35
C LEU B 253 -10.38 -17.80 -39.42
N LEU B 254 -10.06 -16.55 -39.11
CA LEU B 254 -9.33 -15.69 -40.04
C LEU B 254 -7.85 -16.07 -40.07
N ASN B 255 -7.23 -15.91 -41.23
CA ASN B 255 -5.80 -16.18 -41.36
C ASN B 255 -4.96 -15.00 -40.88
N PRO B 256 -4.06 -15.26 -39.93
CA PRO B 256 -3.15 -14.21 -39.47
C PRO B 256 -2.23 -13.79 -40.62
N PRO B 257 -1.82 -12.51 -40.64
CA PRO B 257 -0.91 -12.04 -41.69
C PRO B 257 0.46 -12.70 -41.53
N GLU B 258 1.09 -13.06 -42.64
CA GLU B 258 2.41 -13.69 -42.60
C GLU B 258 3.48 -12.71 -42.09
N THR B 259 3.36 -11.45 -42.49
CA THR B 259 4.30 -10.41 -42.05
C THR B 259 3.57 -9.15 -41.60
N LEU B 260 4.22 -8.35 -40.77
CA LEU B 260 3.63 -7.13 -40.26
C LEU B 260 4.23 -5.88 -40.89
N ASN B 261 5.36 -6.04 -41.57
CA ASN B 261 6.07 -4.90 -42.15
C ASN B 261 6.32 -3.81 -41.12
N LEU B 262 7.06 -4.17 -40.07
CA LEU B 262 7.35 -3.24 -38.98
C LEU B 262 8.76 -2.68 -39.07
N SER C 2 -6.47 -14.43 13.68
CA SER C 2 -6.93 -15.13 12.49
C SER C 2 -5.97 -16.24 12.06
N MET C 3 -5.77 -17.22 12.94
CA MET C 3 -4.89 -18.35 12.66
C MET C 3 -5.71 -19.56 12.18
N GLU C 4 -7.01 -19.34 12.02
CA GLU C 4 -7.93 -20.38 11.57
C GLU C 4 -7.44 -21.14 10.35
N ASN C 5 -6.77 -20.43 9.44
CA ASN C 5 -6.30 -21.04 8.20
C ASN C 5 -5.04 -21.88 8.34
N PHE C 6 -4.44 -21.89 9.54
CA PHE C 6 -3.20 -22.63 9.75
C PHE C 6 -3.38 -23.90 10.57
N GLN C 7 -2.84 -25.00 10.05
CA GLN C 7 -2.86 -26.27 10.76
C GLN C 7 -1.46 -26.60 11.27
N LYS C 8 -1.29 -26.61 12.59
CA LYS C 8 0.01 -26.95 13.17
C LYS C 8 0.37 -28.41 12.91
N VAL C 9 1.61 -28.64 12.49
CA VAL C 9 2.08 -29.97 12.11
C VAL C 9 2.95 -30.56 13.21
N GLU C 10 3.85 -29.75 13.74
CA GLU C 10 4.72 -30.16 14.85
C GLU C 10 5.44 -28.94 15.41
N LYS C 11 6.00 -29.10 16.61
CA LYS C 11 6.74 -28.02 17.25
C LYS C 11 8.21 -28.13 16.90
N ILE C 12 8.74 -27.07 16.30
CA ILE C 12 10.11 -27.08 15.79
C ILE C 12 11.15 -26.77 16.87
N GLY C 13 10.77 -25.90 17.81
CA GLY C 13 11.67 -25.52 18.88
C GLY C 13 11.19 -24.28 19.63
N GLU C 14 12.13 -23.55 20.22
CA GLU C 14 11.80 -22.35 20.97
C GLU C 14 12.71 -21.18 20.59
N GLY C 18 10.70 -16.74 21.40
CA GLY C 18 9.37 -17.33 21.38
C GLY C 18 9.37 -18.82 21.11
N VAL C 19 8.22 -19.36 20.72
CA VAL C 19 8.09 -20.77 20.40
C VAL C 19 7.75 -20.94 18.90
N VAL C 20 8.36 -21.93 18.27
CA VAL C 20 8.25 -22.09 16.83
C VAL C 20 7.58 -23.40 16.41
N TYR C 21 6.57 -23.28 15.56
CA TYR C 21 5.83 -24.44 15.05
C TYR C 21 5.97 -24.56 13.53
N LYS C 22 6.01 -25.79 13.04
CA LYS C 22 5.83 -26.04 11.62
C LYS C 22 4.33 -26.13 11.37
N ALA C 23 3.83 -25.34 10.42
CA ALA C 23 2.40 -25.28 10.15
C ALA C 23 2.08 -25.39 8.67
N ARG C 24 0.83 -25.65 8.36
CA ARG C 24 0.38 -25.79 6.99
C ARG C 24 -0.83 -24.90 6.71
N ASN C 25 -0.75 -24.10 5.65
CA ASN C 25 -1.89 -23.32 5.21
C ASN C 25 -2.92 -24.24 4.56
N LYS C 26 -4.09 -24.34 5.17
CA LYS C 26 -5.12 -25.26 4.72
C LYS C 26 -5.69 -24.92 3.34
N LEU C 27 -5.55 -23.66 2.93
CA LEU C 27 -6.12 -23.20 1.66
C LEU C 27 -5.12 -23.28 0.50
N THR C 28 -3.88 -22.85 0.74
CA THR C 28 -2.87 -22.82 -0.31
C THR C 28 -1.99 -24.07 -0.29
N GLY C 29 -1.92 -24.73 0.86
CA GLY C 29 -1.10 -25.91 1.00
C GLY C 29 0.33 -25.56 1.39
N GLU C 30 0.60 -24.27 1.48
CA GLU C 30 1.95 -23.80 1.82
C GLU C 30 2.37 -24.21 3.22
N VAL C 31 3.57 -24.74 3.33
CA VAL C 31 4.16 -25.07 4.63
C VAL C 31 4.92 -23.85 5.13
N VAL C 32 4.74 -23.53 6.41
CA VAL C 32 5.38 -22.36 7.00
C VAL C 32 5.93 -22.65 8.40
N ALA C 33 6.75 -21.73 8.90
CA ALA C 33 7.18 -21.77 10.30
C ALA C 33 6.50 -20.63 11.03
N LEU C 34 5.74 -20.96 12.07
CA LEU C 34 5.06 -19.95 12.87
C LEU C 34 5.83 -19.66 14.15
N LYS C 35 6.22 -18.40 14.35
CA LYS C 35 6.84 -18.00 15.60
C LYS C 35 5.84 -17.21 16.43
N LYS C 36 5.48 -17.73 17.59
CA LYS C 36 4.49 -17.12 18.47
C LYS C 36 5.15 -16.29 19.56
N ILE C 37 4.79 -15.02 19.64
CA ILE C 37 5.32 -14.13 20.66
C ILE C 37 4.21 -13.62 21.56
N ARG C 38 4.23 -14.02 22.81
CA ARG C 38 3.22 -13.60 23.78
C ARG C 38 3.48 -12.16 24.22
N LEU C 39 2.44 -11.34 24.18
CA LEU C 39 2.58 -9.93 24.50
C LEU C 39 2.33 -9.64 25.98
N ASP C 40 3.09 -8.71 26.54
CA ASP C 40 2.93 -8.29 27.92
C ASP C 40 1.94 -7.14 28.00
N THR C 41 0.65 -7.48 27.99
CA THR C 41 -0.41 -6.49 27.79
C THR C 41 -0.69 -5.55 28.96
N GLU C 42 -0.29 -5.92 30.17
CA GLU C 42 -0.46 -5.02 31.31
C GLU C 42 0.87 -4.69 31.98
N THR C 43 1.97 -4.98 31.29
CA THR C 43 3.29 -4.77 31.86
C THR C 43 4.27 -4.03 30.94
N GLU C 44 4.89 -4.74 30.00
CA GLU C 44 5.96 -4.12 29.23
C GLU C 44 5.68 -3.96 27.73
N GLY C 45 4.53 -4.46 27.28
CA GLY C 45 4.13 -4.33 25.89
C GLY C 45 4.91 -5.23 24.95
N VAL C 46 5.02 -4.81 23.70
CA VAL C 46 5.69 -5.59 22.66
C VAL C 46 7.21 -5.59 22.87
N PRO C 47 7.82 -6.79 22.91
CA PRO C 47 9.25 -6.94 23.15
C PRO C 47 10.08 -6.21 22.10
N SER C 48 11.09 -5.48 22.54
CA SER C 48 11.97 -4.75 21.63
C SER C 48 12.57 -5.71 20.59
N THR C 49 12.87 -6.93 21.01
CA THR C 49 13.44 -7.92 20.10
C THR C 49 12.50 -8.22 18.93
N ALA C 50 11.21 -8.27 19.21
CA ALA C 50 10.23 -8.56 18.17
C ALA C 50 10.03 -7.35 17.27
N ILE C 51 10.07 -6.17 17.86
CA ILE C 51 9.97 -4.92 17.11
C ILE C 51 11.09 -4.79 16.07
N ARG C 52 12.32 -5.06 16.49
CA ARG C 52 13.46 -4.99 15.59
C ARG C 52 13.39 -6.09 14.53
N GLU C 53 13.19 -7.32 14.99
CA GLU C 53 13.14 -8.47 14.08
C GLU C 53 12.17 -8.22 12.92
N ILE C 54 10.96 -7.79 13.26
CA ILE C 54 9.93 -7.56 12.25
C ILE C 54 10.25 -6.38 11.34
N SER C 55 10.58 -5.24 11.94
CA SER C 55 10.86 -4.03 11.16
C SER C 55 12.04 -4.21 10.21
N LEU C 56 13.12 -4.82 10.70
CA LEU C 56 14.30 -5.02 9.85
C LEU C 56 14.05 -6.11 8.80
N LEU C 57 13.45 -7.20 9.20
CA LEU C 57 13.21 -8.32 8.29
C LEU C 57 12.30 -7.92 7.13
N LYS C 58 11.36 -7.00 7.40
CA LYS C 58 10.48 -6.50 6.35
C LYS C 58 11.26 -5.78 5.25
N GLU C 59 12.37 -5.15 5.62
CA GLU C 59 13.18 -4.40 4.67
C GLU C 59 14.12 -5.30 3.87
N LEU C 60 14.46 -6.45 4.43
CA LEU C 60 15.46 -7.33 3.84
C LEU C 60 14.85 -8.41 2.96
N ASN C 61 14.63 -8.09 1.69
CA ASN C 61 14.18 -9.09 0.73
C ASN C 61 15.33 -9.57 -0.15
N HIS C 62 15.84 -10.75 0.15
CA HIS C 62 16.99 -11.30 -0.54
C HIS C 62 16.87 -12.82 -0.52
N PRO C 63 17.30 -13.48 -1.61
CA PRO C 63 17.16 -14.94 -1.71
C PRO C 63 17.94 -15.69 -0.63
N ASN C 64 18.85 -15.02 0.05
CA ASN C 64 19.65 -15.67 1.10
C ASN C 64 19.32 -15.16 2.49
N ILE C 65 18.11 -14.60 2.62
CA ILE C 65 17.61 -14.15 3.91
C ILE C 65 16.19 -14.71 4.08
N VAL C 66 15.95 -15.39 5.21
CA VAL C 66 14.66 -16.01 5.43
C VAL C 66 13.52 -15.01 5.27
N LYS C 67 12.50 -15.40 4.52
CA LYS C 67 11.41 -14.49 4.19
C LYS C 67 10.32 -14.46 5.27
N LEU C 68 10.04 -13.28 5.78
CA LEU C 68 8.91 -13.08 6.68
C LEU C 68 7.64 -12.89 5.84
N LEU C 69 6.74 -13.86 5.90
CA LEU C 69 5.57 -13.85 5.03
C LEU C 69 4.46 -12.96 5.56
N ASP C 70 4.23 -13.00 6.87
CA ASP C 70 3.13 -12.25 7.45
C ASP C 70 3.29 -12.05 8.95
N VAL C 71 2.61 -11.02 9.47
CA VAL C 71 2.57 -10.77 10.90
C VAL C 71 1.11 -10.68 11.32
N ILE C 72 0.65 -11.67 12.08
CA ILE C 72 -0.75 -11.73 12.46
C ILE C 72 -0.95 -11.24 13.90
N HIS C 73 -1.52 -10.06 14.02
CA HIS C 73 -1.73 -9.41 15.31
CA HIS C 73 -1.70 -9.43 15.33
C HIS C 73 -2.85 -10.06 16.12
N THR C 74 -2.88 -9.75 17.41
CA THR C 74 -3.92 -10.21 18.31
C THR C 74 -3.84 -9.32 19.54
N GLU C 75 -4.87 -9.35 20.37
CA GLU C 75 -4.88 -8.59 21.61
C GLU C 75 -3.70 -8.99 22.48
N ASN C 76 -3.48 -10.31 22.59
CA ASN C 76 -2.47 -10.84 23.49
C ASN C 76 -1.32 -11.61 22.81
N LYS C 77 -1.45 -11.88 21.52
CA LYS C 77 -0.42 -12.68 20.85
C LYS C 77 0.01 -12.16 19.48
N LEU C 78 1.28 -12.38 19.18
CA LEU C 78 1.86 -11.95 17.91
C LEU C 78 2.38 -13.18 17.17
N TYR C 79 1.87 -13.39 15.96
CA TYR C 79 2.30 -14.53 15.15
C TYR C 79 3.13 -14.09 13.95
N LEU C 80 4.40 -14.48 13.93
CA LEU C 80 5.25 -14.21 12.77
C LEU C 80 5.23 -15.43 11.85
N VAL C 81 4.85 -15.21 10.59
CA VAL C 81 4.81 -16.30 9.62
C VAL C 81 6.03 -16.24 8.71
N PHE C 82 6.88 -17.27 8.79
CA PHE C 82 8.07 -17.38 7.95
C PHE C 82 7.90 -18.48 6.92
N GLU C 83 8.63 -18.38 5.82
CA GLU C 83 8.73 -19.50 4.90
C GLU C 83 9.39 -20.65 5.66
N PHE C 84 9.00 -21.89 5.34
CA PHE C 84 9.56 -23.04 6.01
C PHE C 84 10.79 -23.59 5.28
N LEU C 85 11.89 -23.71 6.00
CA LEU C 85 13.07 -24.38 5.45
C LEU C 85 13.28 -25.72 6.15
N HIS C 86 13.80 -26.69 5.40
CA HIS C 86 13.79 -28.08 5.83
C HIS C 86 14.62 -28.37 7.07
N GLN C 87 15.68 -27.60 7.28
CA GLN C 87 16.62 -27.91 8.35
C GLN C 87 17.61 -26.77 8.58
N ASP C 88 18.27 -26.79 9.73
CA ASP C 88 19.32 -25.80 10.03
C ASP C 88 20.70 -26.41 9.80
N LEU C 89 21.69 -25.55 9.55
CA LEU C 89 23.04 -25.99 9.23
C LEU C 89 23.66 -26.88 10.30
N LYS C 90 23.29 -26.65 11.56
CA LYS C 90 23.86 -27.42 12.67
C LYS C 90 23.47 -28.88 12.62
N LYS C 91 22.19 -29.16 12.36
CA LYS C 91 21.72 -30.52 12.22
C LYS C 91 22.39 -31.22 11.04
N PHE C 92 22.56 -30.47 9.96
CA PHE C 92 23.17 -31.00 8.75
C PHE C 92 24.62 -31.42 9.00
N MET C 93 25.36 -30.57 9.72
CA MET C 93 26.74 -30.86 10.04
C MET C 93 26.84 -32.10 10.93
N ASP C 94 25.98 -32.19 11.92
CA ASP C 94 25.93 -33.35 12.80
C ASP C 94 25.65 -34.61 11.99
N ALA C 95 24.64 -34.53 11.12
CA ALA C 95 24.30 -35.66 10.25
C ALA C 95 25.49 -36.05 9.37
N SER C 96 26.41 -35.11 9.18
CA SER C 96 27.56 -35.31 8.31
C SER C 96 28.84 -35.59 9.08
N ALA C 97 28.72 -35.72 10.40
CA ALA C 97 29.87 -35.85 11.29
C ALA C 97 30.87 -36.91 10.82
N LEU C 98 30.37 -37.96 10.18
CA LEU C 98 31.22 -39.08 9.79
C LEU C 98 31.60 -39.06 8.31
N THR C 99 30.69 -38.59 7.46
CA THR C 99 30.92 -38.61 6.01
C THR C 99 31.62 -37.34 5.52
N GLY C 100 31.44 -36.24 6.24
CA GLY C 100 31.98 -34.96 5.83
C GLY C 100 31.04 -34.26 4.87
N ILE C 101 31.34 -33.01 4.56
CA ILE C 101 30.52 -32.23 3.62
C ILE C 101 31.33 -31.91 2.37
N PRO C 102 30.82 -32.32 1.19
CA PRO C 102 31.53 -32.09 -0.07
C PRO C 102 32.00 -30.64 -0.19
N LEU C 103 33.25 -30.45 -0.61
CA LEU C 103 33.83 -29.13 -0.73
C LEU C 103 32.97 -28.17 -1.57
N PRO C 104 32.45 -28.64 -2.71
CA PRO C 104 31.59 -27.80 -3.53
C PRO C 104 30.43 -27.19 -2.73
N LEU C 105 29.82 -28.01 -1.88
CA LEU C 105 28.68 -27.58 -1.08
C LEU C 105 29.11 -26.53 -0.04
N ILE C 106 30.24 -26.76 0.61
CA ILE C 106 30.78 -25.81 1.57
C ILE C 106 31.02 -24.46 0.91
N LYS C 107 31.66 -24.47 -0.25
CA LYS C 107 31.93 -23.26 -1.01
C LYS C 107 30.63 -22.56 -1.38
N SER C 108 29.66 -23.35 -1.82
CA SER C 108 28.35 -22.82 -2.21
C SER C 108 27.66 -22.15 -1.03
N TYR C 109 27.64 -22.81 0.12
CA TYR C 109 27.02 -22.26 1.32
C TYR C 109 27.70 -20.96 1.76
N LEU C 110 29.02 -20.97 1.81
CA LEU C 110 29.76 -19.79 2.24
C LEU C 110 29.48 -18.61 1.32
N PHE C 111 29.38 -18.89 0.02
CA PHE C 111 29.14 -17.86 -0.98
C PHE C 111 27.77 -17.23 -0.76
N GLN C 112 26.75 -18.07 -0.55
CA GLN C 112 25.40 -17.59 -0.32
C GLN C 112 25.27 -16.81 0.98
N LEU C 113 25.93 -17.29 2.03
CA LEU C 113 25.90 -16.63 3.33
C LEU C 113 26.47 -15.23 3.24
N LEU C 114 27.59 -15.10 2.55
CA LEU C 114 28.24 -13.81 2.35
C LEU C 114 27.37 -12.86 1.51
N GLN C 115 26.58 -13.42 0.61
CA GLN C 115 25.67 -12.62 -0.20
C GLN C 115 24.54 -12.03 0.63
N GLY C 116 23.97 -12.85 1.50
CA GLY C 116 22.92 -12.39 2.40
C GLY C 116 23.46 -11.36 3.38
N LEU C 117 24.61 -11.66 3.95
CA LEU C 117 25.24 -10.76 4.91
C LEU C 117 25.59 -9.43 4.26
N ALA C 118 26.18 -9.49 3.07
CA ALA C 118 26.54 -8.29 2.33
C ALA C 118 25.29 -7.42 2.11
N PHE C 119 24.16 -8.07 1.83
CA PHE C 119 22.91 -7.37 1.65
C PHE C 119 22.49 -6.73 2.97
N CYS C 120 22.64 -7.46 4.07
CA CYS C 120 22.34 -6.93 5.40
C CYS C 120 23.13 -5.67 5.68
N HIS C 121 24.44 -5.75 5.50
CA HIS C 121 25.34 -4.64 5.81
C HIS C 121 25.14 -3.46 4.87
N SER C 122 24.74 -3.73 3.64
CA SER C 122 24.44 -2.68 2.67
C SER C 122 23.23 -1.89 3.10
N HIS C 123 22.36 -2.54 3.89
CA HIS C 123 21.14 -1.92 4.37
C HIS C 123 21.23 -1.59 5.86
N ARG C 124 22.45 -1.30 6.30
CA ARG C 124 22.76 -0.94 7.69
C ARG C 124 22.13 -1.83 8.76
N VAL C 125 22.16 -3.14 8.52
CA VAL C 125 21.71 -4.10 9.52
C VAL C 125 22.84 -5.01 9.99
N LEU C 126 23.02 -5.10 11.30
CA LEU C 126 23.94 -6.06 11.89
C LEU C 126 23.13 -7.26 12.36
N HIS C 127 23.62 -8.47 12.08
CA HIS C 127 22.90 -9.66 12.53
C HIS C 127 23.16 -9.97 14.01
N ARG C 128 24.44 -10.13 14.35
CA ARG C 128 24.89 -10.27 15.75
C ARG C 128 24.55 -11.60 16.44
N ASP C 129 24.09 -12.59 15.67
CA ASP C 129 23.88 -13.91 16.25
C ASP C 129 24.01 -15.00 15.20
N LEU C 130 25.04 -14.89 14.37
CA LEU C 130 25.29 -15.88 13.34
C LEU C 130 25.91 -17.14 13.93
N LYS C 131 25.24 -18.27 13.71
CA LYS C 131 25.73 -19.56 14.17
C LYS C 131 24.95 -20.61 13.40
N PRO C 132 25.46 -21.85 13.35
CA PRO C 132 24.85 -22.92 12.55
C PRO C 132 23.35 -23.08 12.82
N GLN C 133 22.94 -22.83 14.07
CA GLN C 133 21.55 -22.99 14.46
C GLN C 133 20.63 -21.94 13.82
N ASN C 134 21.19 -20.79 13.47
CA ASN C 134 20.40 -19.72 12.88
C ASN C 134 20.54 -19.63 11.37
N LEU C 135 21.13 -20.68 10.78
CA LEU C 135 21.29 -20.74 9.33
C LEU C 135 20.47 -21.91 8.79
N LEU C 136 19.60 -21.61 7.84
CA LEU C 136 18.65 -22.61 7.35
C LEU C 136 18.94 -23.04 5.92
N ILE C 137 18.77 -24.33 5.66
CA ILE C 137 19.00 -24.87 4.32
C ILE C 137 17.76 -25.60 3.81
N ASN C 138 17.60 -25.62 2.49
CA ASN C 138 16.55 -26.42 1.86
C ASN C 138 17.14 -27.59 1.07
N THR C 139 16.30 -28.31 0.35
CA THR C 139 16.74 -29.47 -0.41
C THR C 139 17.38 -29.08 -1.74
N GLU C 140 17.08 -27.86 -2.21
CA GLU C 140 17.55 -27.41 -3.51
C GLU C 140 18.96 -26.81 -3.45
N GLY C 141 19.55 -26.80 -2.26
CA GLY C 141 20.94 -26.37 -2.12
C GLY C 141 21.13 -24.91 -1.74
N ALA C 142 20.07 -24.28 -1.26
CA ALA C 142 20.15 -22.90 -0.81
C ALA C 142 20.35 -22.82 0.71
N ILE C 143 20.99 -21.75 1.16
CA ILE C 143 21.14 -21.50 2.58
C ILE C 143 20.76 -20.05 2.87
N LYS C 144 20.13 -19.80 4.01
CA LYS C 144 19.60 -18.48 4.33
C LYS C 144 19.88 -18.03 5.76
N LEU C 145 20.11 -16.73 5.94
CA LEU C 145 20.25 -16.15 7.27
C LEU C 145 18.90 -16.11 7.96
N ALA C 146 18.85 -16.50 9.22
CA ALA C 146 17.60 -16.50 9.97
C ALA C 146 17.78 -15.99 11.40
N ASP C 147 16.66 -15.85 12.09
CA ASP C 147 16.62 -15.37 13.47
C ASP C 147 17.31 -14.02 13.65
N PHE C 148 16.59 -12.96 13.30
CA PHE C 148 17.09 -11.60 13.45
C PHE C 148 16.63 -10.98 14.77
N GLY C 149 16.51 -11.82 15.80
CA GLY C 149 16.08 -11.36 17.10
C GLY C 149 17.12 -10.53 17.84
N LEU C 150 18.38 -10.66 17.43
CA LEU C 150 19.45 -9.87 18.06
C LEU C 150 19.97 -8.78 17.13
N ALA C 151 19.37 -8.65 15.96
CA ALA C 151 19.81 -7.67 14.97
C ALA C 151 19.48 -6.25 15.41
N ARG C 152 20.17 -5.28 14.81
CA ARG C 152 19.83 -3.88 15.02
C ARG C 152 20.28 -3.04 13.82
N ALA C 153 19.59 -1.92 13.60
CA ALA C 153 19.94 -1.02 12.52
C ALA C 153 21.02 -0.08 12.99
N PHE C 154 22.20 -0.17 12.38
CA PHE C 154 23.34 0.63 12.83
C PHE C 154 23.50 1.93 12.05
N GLY C 155 24.39 2.80 12.53
CA GLY C 155 24.61 4.10 11.91
C GLY C 155 26.03 4.30 11.43
N VAL C 156 26.27 5.42 10.77
CA VAL C 156 27.57 5.74 10.22
C VAL C 156 28.02 7.13 10.69
N PRO C 157 29.02 7.19 11.58
CA PRO C 157 29.69 6.04 12.19
C PRO C 157 28.81 5.34 13.22
N VAL C 158 29.27 4.21 13.74
CA VAL C 158 28.51 3.44 14.71
C VAL C 158 28.62 4.03 16.12
N ARG C 159 27.61 3.77 16.95
CA ARG C 159 27.66 4.10 18.38
C ARG C 159 28.13 2.86 19.13
N THR C 160 28.31 3.02 20.43
CA THR C 160 28.41 1.86 21.30
C THR C 160 27.05 1.17 21.25
N TYR C 161 27.06 -0.14 21.09
CA TYR C 161 25.83 -0.93 21.07
C TYR C 161 25.84 -1.96 22.19
N TPO C 162 24.79 -2.78 22.25
CA TPO C 162 24.67 -3.82 23.31
CB TPO C 162 23.41 -4.64 23.06
CG2 TPO C 162 23.25 -5.72 24.14
OG1 TPO C 162 22.26 -3.80 23.09
P TPO C 162 21.43 -3.49 21.74
O1P TPO C 162 20.45 -2.41 22.15
O2P TPO C 162 22.49 -3.05 20.76
O3P TPO C 162 20.74 -4.79 21.38
C TPO C 162 25.86 -4.73 23.33
O TPO C 162 26.29 -5.24 22.29
N HIS C 163 26.43 -4.94 24.52
CA HIS C 163 27.63 -5.77 24.63
C HIS C 163 27.32 -7.26 24.60
N GLU C 164 26.16 -7.65 25.10
CA GLU C 164 25.78 -9.06 25.17
C GLU C 164 25.21 -9.55 23.84
N VAL C 165 26.10 -9.79 22.88
CA VAL C 165 25.68 -10.26 21.57
C VAL C 165 26.58 -11.39 21.05
N VAL C 166 26.00 -12.23 20.19
CA VAL C 166 26.69 -13.36 19.58
C VAL C 166 26.99 -14.47 20.57
N THR C 167 26.56 -15.68 20.24
CA THR C 167 26.90 -16.87 21.01
C THR C 167 28.41 -16.94 21.21
N LEU C 168 28.82 -17.30 22.42
CA LEU C 168 30.23 -17.30 22.80
C LEU C 168 31.18 -17.81 21.72
N TRP C 169 30.96 -19.05 21.27
CA TRP C 169 31.85 -19.69 20.30
C TRP C 169 32.09 -18.87 19.04
N TYR C 170 31.14 -17.99 18.71
CA TYR C 170 31.19 -17.25 17.46
C TYR C 170 31.40 -15.75 17.67
N ARG C 171 31.78 -15.39 18.88
CA ARG C 171 31.93 -13.99 19.27
C ARG C 171 33.33 -13.47 18.92
N ALA C 172 33.38 -12.36 18.19
CA ALA C 172 34.65 -11.75 17.79
C ALA C 172 35.42 -11.23 18.99
N PRO C 173 36.76 -11.17 18.86
CA PRO C 173 37.63 -10.71 19.95
C PRO C 173 37.33 -9.29 20.43
N GLU C 174 36.97 -8.38 19.53
CA GLU C 174 36.69 -7.01 19.94
C GLU C 174 35.48 -6.93 20.87
N ILE C 175 34.58 -7.92 20.76
CA ILE C 175 33.45 -8.02 21.68
C ILE C 175 33.93 -8.60 23.00
N LEU C 176 34.61 -9.74 22.92
CA LEU C 176 35.17 -10.40 24.09
C LEU C 176 35.98 -9.43 24.93
N LEU C 177 36.81 -8.63 24.27
CA LEU C 177 37.70 -7.70 24.96
C LEU C 177 36.99 -6.45 25.46
N GLY C 178 35.75 -6.26 25.01
CA GLY C 178 34.93 -5.15 25.50
C GLY C 178 35.29 -3.82 24.87
N CYS C 179 35.67 -3.84 23.59
CA CYS C 179 35.96 -2.62 22.87
C CYS C 179 34.75 -1.70 22.84
N LYS C 180 35.00 -0.40 22.98
CA LYS C 180 33.94 0.60 22.94
C LYS C 180 33.02 0.40 21.73
N TYR C 181 33.61 0.20 20.57
CA TYR C 181 32.85 0.09 19.32
C TYR C 181 32.99 -1.28 18.68
N TYR C 182 31.96 -1.69 17.96
CA TYR C 182 32.05 -2.82 17.04
C TYR C 182 31.04 -2.62 15.91
N SER C 183 31.28 -3.27 14.78
CA SER C 183 30.40 -3.11 13.63
C SER C 183 30.35 -4.37 12.78
N THR C 184 30.20 -4.19 11.47
CA THR C 184 29.99 -5.29 10.54
C THR C 184 30.99 -6.42 10.69
N ALA C 185 32.20 -6.09 11.14
CA ALA C 185 33.27 -7.07 11.23
C ALA C 185 32.95 -8.22 12.17
N VAL C 186 32.04 -8.01 13.12
CA VAL C 186 31.68 -9.06 14.06
C VAL C 186 30.89 -10.17 13.37
N ASP C 187 30.06 -9.80 12.40
CA ASP C 187 29.30 -10.78 11.63
C ASP C 187 30.23 -11.64 10.76
N ILE C 188 31.23 -10.99 10.17
CA ILE C 188 32.20 -11.68 9.33
C ILE C 188 32.99 -12.70 10.15
N TRP C 189 33.39 -12.31 11.35
CA TRP C 189 34.10 -13.22 12.23
C TRP C 189 33.29 -14.49 12.44
N SER C 190 31.99 -14.33 12.69
CA SER C 190 31.09 -15.46 12.88
C SER C 190 31.11 -16.41 11.69
N LEU C 191 31.00 -15.85 10.48
CA LEU C 191 31.04 -16.66 9.27
C LEU C 191 32.40 -17.36 9.11
N GLY C 192 33.45 -16.69 9.54
CA GLY C 192 34.79 -17.28 9.53
C GLY C 192 34.81 -18.54 10.38
N CYS C 193 34.23 -18.47 11.56
CA CYS C 193 34.17 -19.62 12.47
C CYS C 193 33.30 -20.72 11.88
N ILE C 194 32.21 -20.32 11.23
CA ILE C 194 31.29 -21.27 10.62
C ILE C 194 31.90 -21.92 9.39
N PHE C 195 32.68 -21.15 8.64
CA PHE C 195 33.41 -21.66 7.48
C PHE C 195 34.27 -22.86 7.90
N ALA C 196 35.07 -22.67 8.94
CA ALA C 196 35.94 -23.74 9.44
C ALA C 196 35.14 -24.92 9.98
N GLU C 197 34.03 -24.63 10.63
CA GLU C 197 33.20 -25.67 11.24
C GLU C 197 32.53 -26.57 10.19
N MET C 198 32.24 -26.01 9.02
CA MET C 198 31.70 -26.81 7.92
C MET C 198 32.72 -27.82 7.42
N VAL C 199 33.99 -27.42 7.41
CA VAL C 199 35.07 -28.26 6.91
C VAL C 199 35.41 -29.40 7.88
N THR C 200 35.37 -29.10 9.18
CA THR C 200 35.74 -30.09 10.18
C THR C 200 34.52 -30.76 10.82
N ARG C 201 33.39 -30.08 10.76
CA ARG C 201 32.17 -30.56 11.40
C ARG C 201 32.35 -30.61 12.92
N ARG C 202 33.20 -29.71 13.40
CA ARG C 202 33.38 -29.47 14.82
C ARG C 202 33.73 -27.99 15.02
N ALA C 203 33.23 -27.39 16.09
CA ALA C 203 33.41 -25.97 16.33
C ALA C 203 34.88 -25.55 16.40
N LEU C 204 35.19 -24.40 15.80
CA LEU C 204 36.54 -23.88 15.74
C LEU C 204 37.06 -23.46 17.11
N PHE C 205 36.29 -22.63 17.81
CA PHE C 205 36.67 -22.16 19.14
C PHE C 205 35.59 -22.47 20.17
N PRO C 206 35.55 -23.73 20.65
CA PRO C 206 34.53 -24.16 21.61
C PRO C 206 34.88 -23.75 23.03
N GLY C 207 34.87 -22.45 23.31
CA GLY C 207 35.23 -21.95 24.62
C GLY C 207 34.25 -22.28 25.72
N ASP C 208 34.77 -22.52 26.92
CA ASP C 208 33.95 -22.83 28.09
C ASP C 208 33.64 -21.55 28.89
N SER C 209 34.35 -20.47 28.55
CA SER C 209 34.17 -19.19 29.21
C SER C 209 34.80 -18.08 28.37
N GLU C 210 34.66 -16.83 28.81
CA GLU C 210 35.24 -15.71 28.09
C GLU C 210 36.76 -15.80 28.03
N ILE C 211 37.37 -16.19 29.14
CA ILE C 211 38.82 -16.35 29.20
C ILE C 211 39.28 -17.50 28.31
N ASP C 212 38.57 -18.63 28.40
CA ASP C 212 38.90 -19.79 27.58
C ASP C 212 38.73 -19.47 26.10
N GLN C 213 37.68 -18.72 25.79
CA GLN C 213 37.40 -18.32 24.41
C GLN C 213 38.56 -17.51 23.84
N LEU C 214 39.07 -16.58 24.64
CA LEU C 214 40.19 -15.73 24.22
C LEU C 214 41.48 -16.52 24.05
N PHE C 215 41.81 -17.36 25.03
CA PHE C 215 43.01 -18.19 24.94
C PHE C 215 42.98 -19.10 23.71
N ARG C 216 41.82 -19.67 23.42
CA ARG C 216 41.66 -20.54 22.26
C ARG C 216 41.95 -19.80 20.96
N ILE C 217 41.47 -18.56 20.88
CA ILE C 217 41.72 -17.72 19.71
C ILE C 217 43.19 -17.29 19.63
N PHE C 218 43.75 -16.88 20.77
CA PHE C 218 45.14 -16.47 20.83
C PHE C 218 46.10 -17.55 20.35
N ARG C 219 45.93 -18.77 20.86
CA ARG C 219 46.81 -19.88 20.50
C ARG C 219 46.77 -20.17 19.00
N THR C 220 45.58 -20.06 18.41
CA THR C 220 45.37 -20.38 17.01
C THR C 220 45.89 -19.29 16.06
N LEU C 221 45.70 -18.03 16.43
CA LEU C 221 46.03 -16.93 15.54
C LEU C 221 47.29 -16.16 15.92
N GLY C 222 47.72 -16.30 17.18
CA GLY C 222 48.91 -15.61 17.66
C GLY C 222 48.58 -14.52 18.66
N THR C 223 49.33 -14.51 19.77
CA THR C 223 49.09 -13.55 20.85
C THR C 223 49.00 -12.11 20.34
N PHE C 250 49.43 -21.54 9.73
CA PHE C 250 47.99 -21.35 9.69
C PHE C 250 47.31 -22.49 8.95
N SER C 251 48.11 -23.37 8.37
CA SER C 251 47.58 -24.49 7.59
C SER C 251 47.19 -25.67 8.47
N LYS C 252 47.66 -25.66 9.72
CA LYS C 252 47.34 -26.73 10.66
C LYS C 252 45.92 -26.59 11.20
N VAL C 253 45.38 -25.38 11.12
CA VAL C 253 44.07 -25.08 11.66
C VAL C 253 42.97 -25.86 10.95
N VAL C 254 42.91 -25.74 9.62
CA VAL C 254 41.91 -26.43 8.82
C VAL C 254 42.58 -27.17 7.68
N PRO C 255 43.09 -28.39 7.97
CA PRO C 255 43.88 -29.20 7.03
C PRO C 255 43.21 -29.45 5.67
N PRO C 256 41.99 -29.99 5.65
CA PRO C 256 41.39 -30.40 4.37
C PRO C 256 41.16 -29.24 3.41
N LEU C 257 41.45 -28.02 3.85
CA LEU C 257 41.18 -26.84 3.05
C LEU C 257 42.37 -26.45 2.17
N ASP C 258 42.08 -26.10 0.92
CA ASP C 258 43.12 -25.73 -0.03
C ASP C 258 43.72 -24.36 0.26
N GLU C 259 44.55 -23.86 -0.65
CA GLU C 259 45.28 -22.62 -0.42
C GLU C 259 44.40 -21.37 -0.47
N ASP C 260 43.59 -21.26 -1.53
CA ASP C 260 42.67 -20.13 -1.64
C ASP C 260 41.76 -20.09 -0.43
N GLY C 261 41.27 -21.26 -0.03
CA GLY C 261 40.40 -21.37 1.13
C GLY C 261 41.03 -20.81 2.38
N ARG C 262 42.24 -21.25 2.69
CA ARG C 262 42.92 -20.80 3.90
C ARG C 262 43.11 -19.29 3.90
N SER C 263 43.48 -18.75 2.75
CA SER C 263 43.67 -17.30 2.62
C SER C 263 42.41 -16.54 3.04
N LEU C 264 41.29 -16.89 2.42
CA LEU C 264 40.02 -16.25 2.71
C LEU C 264 39.67 -16.39 4.19
N LEU C 265 39.86 -17.59 4.73
CA LEU C 265 39.57 -17.86 6.13
C LEU C 265 40.39 -16.98 7.07
N SER C 266 41.64 -16.74 6.73
CA SER C 266 42.52 -15.95 7.58
C SER C 266 42.15 -14.47 7.50
N GLN C 267 41.56 -14.06 6.38
CA GLN C 267 41.12 -12.69 6.21
C GLN C 267 39.79 -12.46 6.94
N MET C 268 38.98 -13.50 7.03
CA MET C 268 37.72 -13.42 7.76
C MET C 268 37.95 -13.48 9.26
N LEU C 269 39.11 -13.98 9.65
CA LEU C 269 39.47 -14.09 11.07
C LEU C 269 40.63 -13.19 11.46
N HIS C 270 40.79 -12.09 10.73
CA HIS C 270 41.83 -11.13 11.06
C HIS C 270 41.54 -10.51 12.43
N TYR C 271 42.57 -10.36 13.25
CA TYR C 271 42.40 -9.76 14.57
C TYR C 271 41.81 -8.36 14.49
N ASP C 272 42.39 -7.52 13.64
CA ASP C 272 41.94 -6.15 13.49
C ASP C 272 40.65 -6.10 12.68
N PRO C 273 39.56 -5.63 13.32
CA PRO C 273 38.25 -5.50 12.68
C PRO C 273 38.30 -4.64 11.42
N ASN C 274 39.20 -3.66 11.41
CA ASN C 274 39.39 -2.81 10.25
C ASN C 274 40.04 -3.58 9.10
N LYS C 275 40.97 -4.46 9.45
CA LYS C 275 41.68 -5.26 8.46
C LYS C 275 40.85 -6.47 8.02
N ARG C 276 39.92 -6.87 8.88
CA ARG C 276 39.04 -8.00 8.58
C ARG C 276 38.26 -7.72 7.30
N ILE C 277 38.23 -8.70 6.41
CA ILE C 277 37.58 -8.55 5.12
C ILE C 277 36.09 -8.32 5.24
N SER C 278 35.53 -7.55 4.31
CA SER C 278 34.09 -7.31 4.29
C SER C 278 33.40 -8.42 3.51
N ALA C 279 32.09 -8.55 3.70
CA ALA C 279 31.31 -9.55 2.98
C ALA C 279 31.39 -9.28 1.48
N LYS C 280 31.22 -8.02 1.10
CA LYS C 280 31.25 -7.63 -0.31
C LYS C 280 32.59 -8.02 -0.95
N ALA C 281 33.68 -7.61 -0.30
CA ALA C 281 35.01 -7.89 -0.82
C ALA C 281 35.30 -9.39 -0.85
N ALA C 282 34.76 -10.11 0.14
CA ALA C 282 34.97 -11.56 0.22
C ALA C 282 34.33 -12.28 -0.95
N LEU C 283 33.25 -11.72 -1.49
CA LEU C 283 32.56 -12.31 -2.63
C LEU C 283 33.45 -12.34 -3.88
N ALA C 284 34.50 -11.54 -3.87
CA ALA C 284 35.39 -11.44 -5.02
C ALA C 284 36.66 -12.26 -4.85
N HIS C 285 36.71 -13.06 -3.79
CA HIS C 285 37.89 -13.87 -3.50
C HIS C 285 38.05 -15.00 -4.52
N PRO C 286 39.31 -15.30 -4.88
CA PRO C 286 39.65 -16.38 -5.81
C PRO C 286 39.05 -17.72 -5.40
N PHE C 287 38.71 -17.87 -4.12
CA PHE C 287 38.14 -19.11 -3.62
C PHE C 287 36.83 -19.43 -4.33
N PHE C 288 36.09 -18.39 -4.71
CA PHE C 288 34.77 -18.56 -5.31
C PHE C 288 34.77 -18.59 -6.83
N GLN C 289 35.93 -18.54 -7.45
CA GLN C 289 36.02 -18.50 -8.91
C GLN C 289 35.23 -19.63 -9.56
N ASP C 290 35.27 -20.82 -8.97
CA ASP C 290 34.64 -22.00 -9.54
C ASP C 290 33.39 -22.43 -8.79
N VAL C 291 32.73 -21.49 -8.11
CA VAL C 291 31.59 -21.82 -7.27
C VAL C 291 30.39 -22.32 -8.08
N THR C 292 29.73 -23.36 -7.56
CA THR C 292 28.52 -23.89 -8.16
C THR C 292 27.41 -23.99 -7.11
N LYS C 293 26.28 -24.60 -7.48
CA LYS C 293 25.18 -24.75 -6.54
C LYS C 293 24.67 -26.19 -6.48
N PRO C 294 25.42 -27.06 -5.77
CA PRO C 294 25.04 -28.46 -5.58
C PRO C 294 23.94 -28.61 -4.53
N VAL C 295 23.31 -29.78 -4.50
CA VAL C 295 22.24 -30.04 -3.52
C VAL C 295 22.78 -30.82 -2.33
N PRO C 296 22.19 -30.61 -1.15
CA PRO C 296 22.60 -31.32 0.07
C PRO C 296 22.59 -32.83 -0.16
N HIS C 297 23.70 -33.49 0.14
CA HIS C 297 23.87 -34.90 -0.15
C HIS C 297 22.97 -35.80 0.69
N LEU C 298 22.28 -35.22 1.66
CA LEU C 298 21.41 -35.98 2.55
C LEU C 298 19.93 -35.70 2.30
N PRO D 6 33.60 1.33 5.98
CA PRO D 6 33.73 2.24 4.84
C PRO D 6 33.37 1.56 3.53
N ASP D 7 33.31 0.23 3.53
CA ASP D 7 32.94 -0.52 2.34
C ASP D 7 31.47 -0.35 2.00
N TYR D 8 30.67 0.05 2.98
CA TYR D 8 29.23 0.15 2.81
C TYR D 8 28.70 1.57 2.99
N HIS D 9 29.57 2.49 3.36
CA HIS D 9 29.17 3.87 3.63
C HIS D 9 28.41 4.51 2.47
N GLU D 10 28.80 4.18 1.24
CA GLU D 10 28.14 4.73 0.06
C GLU D 10 26.84 3.99 -0.26
N ASP D 11 26.89 2.66 -0.14
CA ASP D 11 25.69 1.85 -0.32
C ASP D 11 24.61 2.22 0.71
N ILE D 12 25.03 2.36 1.96
CA ILE D 12 24.13 2.72 3.05
C ILE D 12 23.52 4.10 2.81
N HIS D 13 24.35 5.06 2.45
CA HIS D 13 23.88 6.42 2.19
C HIS D 13 22.82 6.43 1.09
N THR D 14 23.11 5.72 -0.01
CA THR D 14 22.18 5.62 -1.12
C THR D 14 20.85 5.01 -0.68
N TYR D 15 20.91 3.99 0.17
CA TYR D 15 19.71 3.32 0.64
C TYR D 15 18.85 4.23 1.53
N LEU D 16 19.50 4.95 2.43
CA LEU D 16 18.80 5.89 3.30
C LEU D 16 18.14 7.01 2.50
N ARG D 17 18.78 7.41 1.42
CA ARG D 17 18.21 8.42 0.53
C ARG D 17 16.94 7.91 -0.12
N GLU D 18 16.94 6.63 -0.45
CA GLU D 18 15.76 5.99 -1.04
C GLU D 18 14.64 5.87 -0.02
N MET D 19 14.98 5.45 1.19
CA MET D 19 13.99 5.18 2.23
C MET D 19 13.38 6.44 2.83
N GLU D 20 14.16 7.53 2.88
CA GLU D 20 13.65 8.77 3.47
C GLU D 20 12.44 9.28 2.71
N VAL D 21 12.38 8.98 1.42
CA VAL D 21 11.23 9.35 0.60
C VAL D 21 10.03 8.47 0.93
N LYS D 22 10.29 7.19 1.19
CA LYS D 22 9.22 6.24 1.49
C LYS D 22 8.62 6.43 2.88
N CYS D 23 9.41 7.00 3.80
CA CYS D 23 9.01 7.15 5.19
C CYS D 23 8.52 8.54 5.50
N LYS D 24 8.52 9.40 4.49
CA LYS D 24 8.12 10.80 4.66
C LYS D 24 6.62 10.87 4.98
N PRO D 25 6.26 11.69 5.98
CA PRO D 25 4.85 11.91 6.33
C PRO D 25 4.12 12.69 5.24
N LYS D 26 2.81 12.83 5.40
CA LYS D 26 2.02 13.65 4.49
C LYS D 26 2.31 15.12 4.77
N VAL D 27 2.73 15.85 3.75
CA VAL D 27 3.15 17.24 3.93
C VAL D 27 2.07 18.14 4.55
N GLY D 28 0.83 18.00 4.09
CA GLY D 28 -0.23 18.86 4.57
C GLY D 28 -1.24 18.20 5.47
N TYR D 29 -0.79 17.27 6.32
CA TYR D 29 -1.72 16.51 7.14
C TYR D 29 -2.41 17.35 8.22
N MET D 30 -1.73 18.38 8.71
CA MET D 30 -2.28 19.17 9.80
C MET D 30 -3.59 19.87 9.40
N LYS D 31 -3.66 20.32 8.15
CA LYS D 31 -4.88 20.97 7.66
C LYS D 31 -6.06 20.00 7.71
N LYS D 32 -5.75 18.70 7.72
CA LYS D 32 -6.79 17.68 7.69
C LYS D 32 -7.12 17.13 9.07
N GLN D 33 -6.40 17.61 10.08
CA GLN D 33 -6.68 17.27 11.48
C GLN D 33 -7.57 18.34 12.09
N PRO D 34 -8.86 18.03 12.26
CA PRO D 34 -9.82 19.04 12.72
C PRO D 34 -9.60 19.52 14.16
N ASP D 35 -8.91 18.76 15.00
CA ASP D 35 -8.82 19.11 16.40
C ASP D 35 -7.41 19.46 16.90
N ILE D 36 -6.41 19.31 16.02
CA ILE D 36 -5.04 19.64 16.41
C ILE D 36 -4.36 20.58 15.41
N THR D 37 -3.34 21.29 15.87
CA THR D 37 -2.67 22.32 15.08
C THR D 37 -1.16 22.21 15.14
N ASN D 38 -0.47 22.99 14.31
CA ASN D 38 0.98 23.02 14.33
C ASN D 38 1.52 23.44 15.70
N SER D 39 0.83 24.38 16.33
CA SER D 39 1.20 24.87 17.65
C SER D 39 1.14 23.75 18.69
N MET D 40 0.03 23.02 18.70
CA MET D 40 -0.11 21.86 19.59
C MET D 40 1.01 20.86 19.34
N ARG D 41 1.28 20.58 18.07
CA ARG D 41 2.33 19.64 17.72
C ARG D 41 3.68 20.12 18.22
N ALA D 42 3.89 21.44 18.20
CA ALA D 42 5.14 22.02 18.68
C ALA D 42 5.29 21.79 20.18
N ILE D 43 4.19 22.00 20.91
CA ILE D 43 4.19 21.77 22.35
C ILE D 43 4.58 20.32 22.64
N LEU D 44 4.02 19.40 21.87
CA LEU D 44 4.30 17.98 22.05
C LEU D 44 5.78 17.65 21.86
N VAL D 45 6.34 18.07 20.74
CA VAL D 45 7.73 17.76 20.41
C VAL D 45 8.71 18.39 21.40
N ASP D 46 8.42 19.62 21.82
CA ASP D 46 9.25 20.29 22.82
C ASP D 46 9.28 19.48 24.10
N TRP D 47 8.14 18.92 24.47
CA TRP D 47 8.04 18.09 25.66
C TRP D 47 8.86 16.81 25.52
N LEU D 48 8.80 16.18 24.35
CA LEU D 48 9.59 14.98 24.10
C LEU D 48 11.09 15.27 24.21
N VAL D 49 11.49 16.49 23.86
CA VAL D 49 12.87 16.92 24.01
C VAL D 49 13.28 16.89 25.48
N GLU D 50 12.48 17.52 26.33
CA GLU D 50 12.69 17.48 27.77
C GLU D 50 12.74 16.04 28.26
N VAL D 51 11.81 15.23 27.78
CA VAL D 51 11.79 13.81 28.12
C VAL D 51 13.11 13.14 27.75
N GLY D 52 13.59 13.41 26.54
CA GLY D 52 14.86 12.88 26.10
C GLY D 52 16.00 13.24 27.02
N GLU D 53 16.05 14.51 27.43
CA GLU D 53 17.06 14.99 28.36
C GLU D 53 16.92 14.34 29.74
N GLU D 54 15.69 14.31 30.25
CA GLU D 54 15.41 13.73 31.55
C GLU D 54 15.95 12.30 31.67
N TYR D 55 15.74 11.50 30.63
CA TYR D 55 16.14 10.10 30.65
C TYR D 55 17.42 9.82 29.86
N LYS D 56 18.12 10.88 29.49
CA LYS D 56 19.42 10.76 28.81
C LYS D 56 19.35 9.84 27.60
N LEU D 57 18.30 10.01 26.80
CA LEU D 57 18.11 9.22 25.59
C LEU D 57 18.91 9.80 24.42
N GLN D 58 19.15 8.98 23.41
CA GLN D 58 19.87 9.41 22.22
C GLN D 58 19.05 10.40 21.41
N ASN D 59 19.72 11.36 20.78
CA ASN D 59 19.03 12.27 19.88
C ASN D 59 18.33 11.52 18.76
N GLU D 60 18.94 10.43 18.31
CA GLU D 60 18.34 9.58 17.28
C GLU D 60 16.96 9.11 17.73
N THR D 61 16.85 8.70 19.00
CA THR D 61 15.60 8.24 19.56
C THR D 61 14.52 9.31 19.46
N LEU D 62 14.92 10.57 19.66
CA LEU D 62 14.01 11.70 19.54
C LEU D 62 13.53 11.85 18.11
N HIS D 63 14.47 11.86 17.17
CA HIS D 63 14.14 11.99 15.75
C HIS D 63 13.17 10.91 15.27
N LEU D 64 13.43 9.66 15.65
CA LEU D 64 12.55 8.56 15.27
C LEU D 64 11.14 8.75 15.81
N ALA D 65 11.04 9.15 17.08
CA ALA D 65 9.75 9.37 17.71
C ALA D 65 8.92 10.38 16.93
N VAL D 66 9.56 11.49 16.55
CA VAL D 66 8.90 12.53 15.77
C VAL D 66 8.41 12.02 14.42
N ASN D 67 9.22 11.18 13.77
CA ASN D 67 8.84 10.58 12.51
C ASN D 67 7.61 9.68 12.68
N TYR D 68 7.62 8.88 13.74
CA TYR D 68 6.50 8.01 14.05
C TYR D 68 5.24 8.83 14.27
N ILE D 69 5.37 9.93 15.01
CA ILE D 69 4.24 10.80 15.29
C ILE D 69 3.65 11.41 14.01
N ASP D 70 4.51 11.98 13.18
CA ASP D 70 4.06 12.61 11.94
C ASP D 70 3.41 11.63 10.98
N ARG D 71 3.94 10.41 10.90
CA ARG D 71 3.35 9.40 10.04
C ARG D 71 2.01 8.91 10.60
N PHE D 72 1.94 8.74 11.91
CA PHE D 72 0.71 8.32 12.56
C PHE D 72 -0.42 9.33 12.33
N LEU D 73 -0.11 10.60 12.53
CA LEU D 73 -1.07 11.68 12.35
C LEU D 73 -1.39 11.93 10.87
N SER D 74 -0.60 11.32 10.00
CA SER D 74 -0.85 11.42 8.56
C SER D 74 -2.01 10.54 8.13
N SER D 75 -2.37 9.57 8.97
CA SER D 75 -3.44 8.65 8.58
C SER D 75 -4.52 8.47 9.64
N MET D 76 -4.28 8.95 10.85
CA MET D 76 -5.25 8.81 11.94
C MET D 76 -5.66 10.16 12.52
N SER D 77 -6.97 10.45 12.53
CA SER D 77 -7.48 11.63 13.21
C SER D 77 -7.33 11.45 14.72
N VAL D 78 -6.85 12.48 15.38
CA VAL D 78 -6.63 12.41 16.82
C VAL D 78 -7.19 13.65 17.51
N LEU D 79 -7.98 13.44 18.56
CA LEU D 79 -8.44 14.55 19.38
C LEU D 79 -7.26 15.02 20.24
N ARG D 80 -7.24 16.30 20.59
CA ARG D 80 -6.07 16.87 21.25
C ARG D 80 -5.79 16.28 22.63
N GLY D 81 -6.84 15.78 23.29
CA GLY D 81 -6.68 15.16 24.59
C GLY D 81 -5.93 13.84 24.51
N LYS D 82 -5.74 13.35 23.28
CA LYS D 82 -5.04 12.09 23.06
C LYS D 82 -3.71 12.31 22.32
N LEU D 83 -3.43 13.56 21.98
CA LEU D 83 -2.19 13.88 21.27
C LEU D 83 -0.97 13.40 22.07
N GLN D 84 -0.91 13.78 23.34
CA GLN D 84 0.20 13.41 24.19
C GLN D 84 0.35 11.90 24.31
N LEU D 85 -0.77 11.18 24.32
CA LEU D 85 -0.74 9.73 24.39
C LEU D 85 -0.07 9.14 23.14
N VAL D 86 -0.32 9.75 21.99
CA VAL D 86 0.35 9.32 20.76
C VAL D 86 1.86 9.56 20.88
N GLY D 87 2.22 10.75 21.37
CA GLY D 87 3.61 11.09 21.55
C GLY D 87 4.34 10.16 22.50
N THR D 88 3.67 9.78 23.59
CA THR D 88 4.29 8.93 24.59
C THR D 88 4.58 7.55 24.04
N ALA D 89 3.59 6.96 23.37
CA ALA D 89 3.77 5.63 22.77
C ALA D 89 4.85 5.66 21.69
N ALA D 90 4.91 6.76 20.94
CA ALA D 90 5.91 6.91 19.89
C ALA D 90 7.33 6.93 20.49
N MET D 91 7.49 7.65 21.59
CA MET D 91 8.79 7.76 22.24
C MET D 91 9.19 6.42 22.86
N LEU D 92 8.20 5.70 23.38
CA LEU D 92 8.43 4.38 23.94
C LEU D 92 8.93 3.44 22.86
N LEU D 93 8.21 3.41 21.73
CA LEU D 93 8.61 2.58 20.59
C LEU D 93 10.00 2.91 20.09
N ALA D 94 10.28 4.20 19.92
CA ALA D 94 11.59 4.65 19.44
C ALA D 94 12.69 4.19 20.39
N SER D 95 12.39 4.17 21.68
CA SER D 95 13.36 3.76 22.68
C SER D 95 13.68 2.27 22.57
N LYS D 96 12.63 1.45 22.46
CA LYS D 96 12.81 0.02 22.30
C LYS D 96 13.65 -0.30 21.07
N PHE D 97 13.42 0.44 19.99
CA PHE D 97 14.12 0.22 18.74
C PHE D 97 15.60 0.63 18.84
N GLU D 98 15.85 1.79 19.43
CA GLU D 98 17.15 2.45 19.31
C GLU D 98 18.07 2.30 20.54
N GLU D 99 17.47 2.39 21.73
CA GLU D 99 18.25 2.46 22.96
C GLU D 99 18.77 1.10 23.41
N ILE D 100 19.97 1.08 24.00
CA ILE D 100 20.48 -0.12 24.63
C ILE D 100 19.69 -0.40 25.89
N TYR D 101 19.42 0.66 26.65
CA TYR D 101 18.66 0.55 27.89
C TYR D 101 17.43 1.46 27.84
N PRO D 102 16.37 1.00 27.15
CA PRO D 102 15.15 1.81 27.12
C PRO D 102 14.55 1.94 28.51
N PRO D 103 13.98 3.10 28.84
CA PRO D 103 13.28 3.23 30.13
C PRO D 103 12.11 2.27 30.15
N GLU D 104 11.69 1.82 31.33
CA GLU D 104 10.55 0.92 31.40
C GLU D 104 9.24 1.68 31.20
N VAL D 105 8.20 0.96 30.79
CA VAL D 105 6.91 1.56 30.50
C VAL D 105 6.43 2.46 31.64
N ALA D 106 6.58 1.99 32.87
CA ALA D 106 6.17 2.75 34.05
C ALA D 106 6.73 4.16 34.03
N GLU D 107 7.96 4.31 33.53
CA GLU D 107 8.60 5.62 33.45
C GLU D 107 7.87 6.53 32.48
N PHE D 108 7.43 5.97 31.36
CA PHE D 108 6.70 6.74 30.36
C PHE D 108 5.32 7.15 30.87
N VAL D 109 4.70 6.29 31.67
CA VAL D 109 3.45 6.65 32.31
C VAL D 109 3.67 7.80 33.29
N TYR D 110 4.77 7.72 34.02
CA TYR D 110 5.10 8.72 35.04
C TYR D 110 5.28 10.12 34.46
N ILE D 111 6.00 10.23 33.35
CA ILE D 111 6.28 11.55 32.77
C ILE D 111 5.04 12.23 32.17
N THR D 112 3.94 11.49 32.04
CA THR D 112 2.69 12.09 31.59
C THR D 112 1.88 12.60 32.77
N ASP D 113 2.42 12.38 33.97
CA ASP D 113 1.81 12.85 35.22
C ASP D 113 0.36 12.38 35.37
N ASP D 114 0.16 11.07 35.42
CA ASP D 114 -1.16 10.48 35.63
C ASP D 114 -2.23 10.93 34.63
N THR D 115 -1.78 11.52 33.52
CA THR D 115 -2.72 11.93 32.48
C THR D 115 -3.32 10.68 31.83
N TYR D 116 -2.48 9.68 31.60
CA TYR D 116 -2.92 8.43 31.00
C TYR D 116 -2.54 7.26 31.90
N THR D 117 -3.22 6.13 31.71
CA THR D 117 -2.87 4.91 32.44
C THR D 117 -1.84 4.10 31.68
N LYS D 118 -1.26 3.11 32.36
CA LYS D 118 -0.28 2.23 31.76
C LYS D 118 -0.94 1.41 30.64
N LYS D 119 -2.22 1.11 30.84
CA LYS D 119 -2.99 0.34 29.87
C LYS D 119 -3.19 1.13 28.58
N GLN D 120 -3.48 2.42 28.72
CA GLN D 120 -3.64 3.29 27.57
C GLN D 120 -2.34 3.42 26.79
N VAL D 121 -1.23 3.60 27.49
CA VAL D 121 0.07 3.72 26.84
C VAL D 121 0.40 2.44 26.08
N LEU D 122 0.14 1.29 26.71
CA LEU D 122 0.44 0.00 26.12
C LEU D 122 -0.41 -0.29 24.89
N ARG D 123 -1.71 0.00 24.99
CA ARG D 123 -2.61 -0.21 23.87
C ARG D 123 -2.31 0.74 22.71
N MET D 124 -1.90 1.96 23.02
CA MET D 124 -1.52 2.91 21.99
C MET D 124 -0.23 2.46 21.29
N GLU D 125 0.70 1.90 22.06
CA GLU D 125 1.93 1.36 21.47
C GLU D 125 1.58 0.40 20.35
N HIS D 126 0.63 -0.50 20.62
CA HIS D 126 0.21 -1.49 19.65
C HIS D 126 -0.51 -0.85 18.46
N LEU D 127 -1.33 0.17 18.73
CA LEU D 127 -2.02 0.85 17.65
C LEU D 127 -1.04 1.54 16.71
N VAL D 128 -0.02 2.19 17.29
CA VAL D 128 0.99 2.86 16.47
C VAL D 128 1.74 1.86 15.59
N LEU D 129 2.05 0.70 16.16
CA LEU D 129 2.68 -0.38 15.40
C LEU D 129 1.84 -0.82 14.21
N LYS D 130 0.54 -0.96 14.42
CA LYS D 130 -0.36 -1.36 13.35
C LYS D 130 -0.43 -0.29 12.26
N VAL D 131 -0.59 0.96 12.68
CA VAL D 131 -0.71 2.07 11.74
C VAL D 131 0.56 2.24 10.91
N LEU D 132 1.72 2.08 11.54
CA LEU D 132 2.99 2.18 10.84
C LEU D 132 3.35 0.86 10.17
N THR D 133 2.49 -0.14 10.34
CA THR D 133 2.75 -1.49 9.86
C THR D 133 4.17 -1.96 10.19
N PHE D 134 4.61 -1.66 11.41
CA PHE D 134 5.88 -2.17 11.94
C PHE D 134 7.12 -1.64 11.24
N ASP D 135 6.98 -0.59 10.45
CA ASP D 135 8.11 -0.01 9.73
C ASP D 135 8.76 1.13 10.52
N LEU D 136 9.67 0.78 11.43
CA LEU D 136 10.22 1.76 12.36
C LEU D 136 11.63 2.22 12.00
N ALA D 137 12.26 1.56 11.04
CA ALA D 137 13.63 1.88 10.67
C ALA D 137 13.70 3.06 9.71
N ALA D 138 13.17 4.20 10.16
CA ALA D 138 13.16 5.40 9.33
C ALA D 138 14.47 6.17 9.40
N PRO D 139 14.91 6.72 8.27
CA PRO D 139 16.08 7.61 8.22
C PRO D 139 15.76 8.93 8.90
N THR D 140 16.72 9.50 9.64
CA THR D 140 16.50 10.74 10.37
C THR D 140 17.49 11.83 9.96
N VAL D 141 17.21 13.05 10.40
CA VAL D 141 18.15 14.15 10.20
C VAL D 141 19.47 13.82 10.88
N ASN D 142 19.36 13.13 12.02
CA ASN D 142 20.53 12.76 12.80
C ASN D 142 21.44 11.78 12.08
N GLN D 143 20.85 10.86 11.34
CA GLN D 143 21.61 9.83 10.64
C GLN D 143 22.45 10.41 9.51
N PHE D 144 21.93 11.44 8.85
CA PHE D 144 22.67 12.11 7.79
C PHE D 144 23.75 13.03 8.37
N LEU D 145 23.41 13.74 9.44
CA LEU D 145 24.36 14.60 10.13
C LEU D 145 25.62 13.84 10.54
N THR D 146 25.45 12.65 11.12
CA THR D 146 26.60 11.86 11.57
C THR D 146 27.44 11.41 10.38
N GLN D 147 26.81 11.26 9.23
CA GLN D 147 27.53 10.93 8.00
C GLN D 147 28.26 12.15 7.46
N TYR D 148 27.57 13.28 7.40
CA TYR D 148 28.18 14.53 6.94
C TYR D 148 29.36 14.91 7.83
N PHE D 149 29.21 14.69 9.13
CA PHE D 149 30.26 15.03 10.10
C PHE D 149 31.61 14.42 9.75
N LEU D 150 31.59 13.26 9.10
CA LEU D 150 32.83 12.58 8.70
C LEU D 150 33.65 13.42 7.72
N HIS D 151 32.99 14.34 7.04
CA HIS D 151 33.65 15.18 6.04
C HIS D 151 34.23 16.45 6.63
N GLN D 152 34.57 16.42 7.92
CA GLN D 152 35.19 17.57 8.57
C GLN D 152 36.71 17.49 8.53
N GLN D 153 37.34 18.65 8.39
CA GLN D 153 38.80 18.73 8.35
C GLN D 153 39.28 20.01 9.05
N PRO D 154 39.53 19.92 10.36
CA PRO D 154 39.36 18.70 11.15
C PRO D 154 38.01 18.67 11.86
N ALA D 155 37.71 17.57 12.53
CA ALA D 155 36.47 17.47 13.30
C ALA D 155 36.42 18.60 14.32
N ASN D 156 35.27 19.25 14.42
CA ASN D 156 35.08 20.36 15.35
C ASN D 156 33.85 20.14 16.22
N CYS D 157 34.07 20.01 17.53
CA CYS D 157 32.99 19.71 18.47
C CYS D 157 31.92 20.79 18.50
N LYS D 158 32.34 22.05 18.38
CA LYS D 158 31.39 23.16 18.36
C LYS D 158 30.46 23.05 17.17
N VAL D 159 31.02 22.68 16.02
CA VAL D 159 30.25 22.56 14.78
C VAL D 159 29.21 21.44 14.85
N GLU D 160 29.66 20.25 15.23
CA GLU D 160 28.76 19.11 15.37
C GLU D 160 27.62 19.44 16.32
N SER D 161 27.95 19.96 17.49
CA SER D 161 26.95 20.33 18.48
C SER D 161 25.94 21.33 17.93
N LEU D 162 26.43 22.36 17.24
CA LEU D 162 25.56 23.38 16.68
C LEU D 162 24.69 22.83 15.56
N ALA D 163 25.22 21.89 14.80
CA ALA D 163 24.47 21.26 13.72
C ALA D 163 23.32 20.42 14.27
N MET D 164 23.59 19.64 15.32
CA MET D 164 22.55 18.84 15.95
C MET D 164 21.48 19.77 16.52
N PHE D 165 21.91 20.89 17.10
CA PHE D 165 21.00 21.87 17.66
C PHE D 165 20.02 22.37 16.60
N LEU D 166 20.55 22.83 15.47
CA LEU D 166 19.73 23.38 14.39
C LEU D 166 18.78 22.35 13.80
N GLY D 167 19.29 21.15 13.54
CA GLY D 167 18.47 20.08 12.99
C GLY D 167 17.34 19.71 13.93
N GLU D 168 17.59 19.84 15.22
CA GLU D 168 16.60 19.54 16.23
C GLU D 168 15.52 20.63 16.28
N LEU D 169 15.92 21.87 16.00
CA LEU D 169 14.97 22.99 15.98
C LEU D 169 13.92 22.80 14.89
N SER D 170 14.31 22.15 13.80
CA SER D 170 13.40 21.93 12.68
C SER D 170 12.27 20.94 13.02
N LEU D 171 12.50 20.10 14.03
CA LEU D 171 11.53 19.08 14.41
C LEU D 171 10.29 19.72 15.04
N ILE D 172 10.48 20.87 15.66
CA ILE D 172 9.41 21.56 16.37
C ILE D 172 8.35 22.12 15.42
N ASP D 173 8.79 22.67 14.29
CA ASP D 173 7.91 23.42 13.40
C ASP D 173 7.54 22.64 12.15
N ALA D 174 6.36 22.02 12.17
CA ALA D 174 5.86 21.27 11.02
C ALA D 174 5.81 22.15 9.78
N ASP D 175 5.36 23.39 9.98
CA ASP D 175 5.48 24.41 8.95
C ASP D 175 6.70 25.25 9.30
N PRO D 176 7.72 25.24 8.41
CA PRO D 176 7.68 24.66 7.07
C PRO D 176 8.39 23.32 6.93
N TYR D 177 8.96 22.79 8.00
CA TYR D 177 9.94 21.71 7.86
C TYR D 177 9.41 20.33 7.46
N LEU D 178 8.11 20.19 7.30
CA LEU D 178 7.54 18.93 6.82
C LEU D 178 7.80 18.74 5.32
N LYS D 179 8.12 19.82 4.63
CA LYS D 179 8.31 19.73 3.19
C LYS D 179 9.75 19.48 2.78
N TYR D 180 10.65 19.40 3.76
CA TYR D 180 12.05 19.11 3.50
C TYR D 180 12.40 17.70 3.96
N LEU D 181 13.11 16.96 3.11
CA LEU D 181 13.58 15.63 3.48
C LEU D 181 14.69 15.74 4.52
N PRO D 182 14.80 14.73 5.40
CA PRO D 182 15.83 14.72 6.44
C PRO D 182 17.23 15.02 5.89
N SER D 183 17.54 14.48 4.72
CA SER D 183 18.88 14.67 4.14
C SER D 183 19.15 16.12 3.75
N VAL D 184 18.08 16.87 3.50
CA VAL D 184 18.21 18.27 3.11
C VAL D 184 18.32 19.18 4.33
N ILE D 185 17.50 18.89 5.35
CA ILE D 185 17.57 19.64 6.60
C ILE D 185 18.95 19.42 7.23
N ALA D 186 19.44 18.19 7.14
CA ALA D 186 20.78 17.86 7.58
C ALA D 186 21.80 18.70 6.83
N GLY D 187 21.58 18.88 5.53
CA GLY D 187 22.46 19.68 4.71
C GLY D 187 22.51 21.13 5.19
N ALA D 188 21.33 21.72 5.35
CA ALA D 188 21.25 23.10 5.80
C ALA D 188 21.84 23.27 7.21
N ALA D 189 21.59 22.28 8.07
CA ALA D 189 22.09 22.35 9.45
C ALA D 189 23.60 22.28 9.51
N PHE D 190 24.20 21.44 8.67
CA PHE D 190 25.66 21.30 8.66
C PHE D 190 26.35 22.56 8.14
N HIS D 191 25.83 23.12 7.06
CA HIS D 191 26.38 24.34 6.51
C HIS D 191 26.27 25.50 7.50
N LEU D 192 25.04 25.79 7.93
CA LEU D 192 24.77 26.89 8.83
C LEU D 192 25.67 26.82 10.07
N ALA D 193 25.80 25.62 10.63
CA ALA D 193 26.66 25.41 11.79
C ALA D 193 28.12 25.69 11.43
N LEU D 194 28.58 25.05 10.36
CA LEU D 194 29.94 25.23 9.88
C LEU D 194 30.26 26.72 9.65
N TYR D 195 29.36 27.40 8.94
CA TYR D 195 29.54 28.81 8.62
C TYR D 195 29.55 29.70 9.85
N THR D 196 28.82 29.29 10.88
CA THR D 196 28.71 30.06 12.11
C THR D 196 29.97 30.00 12.97
N VAL D 197 30.50 28.79 13.13
CA VAL D 197 31.64 28.57 14.01
C VAL D 197 32.98 28.92 13.36
N THR D 198 33.15 28.52 12.11
CA THR D 198 34.45 28.59 11.44
C THR D 198 34.48 29.59 10.29
N GLY D 199 33.36 29.77 9.61
CA GLY D 199 33.30 30.64 8.46
C GLY D 199 33.41 29.85 7.17
N GLN D 200 33.77 28.58 7.29
CA GLN D 200 33.84 27.68 6.16
C GLN D 200 32.42 27.34 5.69
N SER D 201 32.32 26.63 4.57
CA SER D 201 31.02 26.32 4.00
C SER D 201 30.88 24.87 3.54
N TRP D 202 29.63 24.44 3.37
CA TRP D 202 29.29 23.16 2.76
C TRP D 202 30.40 22.70 1.81
N PRO D 203 31.16 21.68 2.22
CA PRO D 203 32.38 21.24 1.53
C PRO D 203 32.13 20.52 0.21
N GLU D 204 33.12 20.55 -0.67
CA GLU D 204 33.04 19.95 -1.98
C GLU D 204 32.82 18.44 -1.91
N SER D 205 33.55 17.78 -1.01
CA SER D 205 33.46 16.33 -0.84
C SER D 205 32.02 15.90 -0.55
N LEU D 206 31.29 16.76 0.16
CA LEU D 206 29.89 16.48 0.47
C LEU D 206 28.98 16.77 -0.72
N ILE D 207 29.41 17.68 -1.58
CA ILE D 207 28.68 17.96 -2.81
C ILE D 207 28.70 16.72 -3.71
N ARG D 208 29.87 16.10 -3.82
CA ARG D 208 30.02 14.86 -4.58
C ARG D 208 29.18 13.72 -4.00
N LYS D 209 29.12 13.65 -2.67
CA LYS D 209 28.43 12.56 -2.00
C LYS D 209 26.92 12.68 -2.11
N THR D 210 26.40 13.85 -1.76
CA THR D 210 24.95 14.04 -1.63
C THR D 210 24.31 14.53 -2.93
N GLY D 211 25.13 15.05 -3.83
CA GLY D 211 24.61 15.64 -5.06
C GLY D 211 23.93 16.96 -4.77
N TYR D 212 24.02 17.39 -3.52
CA TYR D 212 23.46 18.67 -3.11
C TYR D 212 24.50 19.78 -3.25
N THR D 213 24.07 20.91 -3.81
CA THR D 213 24.90 22.10 -3.85
C THR D 213 24.39 23.09 -2.81
N LEU D 214 25.13 24.16 -2.58
CA LEU D 214 24.67 25.23 -1.71
C LEU D 214 23.42 25.87 -2.30
N GLU D 215 23.33 25.84 -3.64
CA GLU D 215 22.17 26.35 -4.34
C GLU D 215 20.94 25.48 -4.06
N SER D 216 21.13 24.16 -4.11
CA SER D 216 20.06 23.22 -3.80
C SER D 216 19.52 23.46 -2.40
N LEU D 217 20.43 23.67 -1.45
CA LEU D 217 20.09 23.77 -0.04
C LEU D 217 19.56 25.14 0.35
N LYS D 218 19.61 26.08 -0.58
CA LYS D 218 19.25 27.48 -0.31
C LYS D 218 17.88 27.66 0.36
N PRO D 219 16.81 27.14 -0.28
CA PRO D 219 15.46 27.31 0.29
C PRO D 219 15.39 26.85 1.76
N CYS D 220 15.77 25.61 2.03
CA CYS D 220 15.80 25.09 3.39
C CYS D 220 16.71 25.94 4.27
N LEU D 221 17.84 26.34 3.71
CA LEU D 221 18.80 27.18 4.42
C LEU D 221 18.13 28.48 4.87
N MET D 222 17.32 29.05 3.98
CA MET D 222 16.65 30.32 4.26
C MET D 222 15.72 30.20 5.46
N ASP D 223 14.88 29.16 5.44
CA ASP D 223 13.97 28.89 6.54
C ASP D 223 14.74 28.64 7.83
N LEU D 224 15.74 27.77 7.76
CA LEU D 224 16.52 27.40 8.93
C LEU D 224 17.22 28.60 9.54
N HIS D 225 17.73 29.49 8.68
CA HIS D 225 18.39 30.70 9.15
C HIS D 225 17.44 31.55 9.97
N GLN D 226 16.25 31.79 9.43
CA GLN D 226 15.22 32.54 10.13
C GLN D 226 14.90 31.91 11.48
N THR D 227 14.64 30.61 11.47
CA THR D 227 14.37 29.86 12.70
C THR D 227 15.49 30.08 13.71
N TYR D 228 16.73 29.94 13.25
CA TYR D 228 17.90 30.15 14.10
C TYR D 228 17.87 31.55 14.72
N LEU D 229 17.64 32.56 13.87
CA LEU D 229 17.62 33.94 14.33
C LEU D 229 16.50 34.20 15.34
N LYS D 230 15.34 33.58 15.11
CA LYS D 230 14.17 33.83 15.94
C LYS D 230 14.08 32.89 17.15
N ALA D 231 14.99 31.92 17.21
CA ALA D 231 14.93 30.88 18.23
C ALA D 231 14.64 31.37 19.66
N PRO D 232 15.35 32.41 20.11
CA PRO D 232 15.17 32.90 21.48
C PRO D 232 13.76 33.45 21.74
N GLN D 233 13.02 33.76 20.68
CA GLN D 233 11.67 34.29 20.81
C GLN D 233 10.61 33.20 20.71
N HIS D 234 11.00 32.03 20.20
CA HIS D 234 10.09 30.92 20.00
C HIS D 234 9.40 30.52 21.31
N ALA D 235 8.12 30.14 21.22
CA ALA D 235 7.35 29.73 22.40
C ALA D 235 7.97 28.50 23.07
N GLN D 236 8.51 27.60 22.27
CA GLN D 236 9.15 26.41 22.80
C GLN D 236 10.65 26.62 22.94
N GLN D 237 11.18 26.35 24.13
CA GLN D 237 12.56 26.71 24.46
C GLN D 237 13.39 25.55 25.02
N SER D 238 12.82 24.34 25.02
CA SER D 238 13.49 23.19 25.62
C SER D 238 14.78 22.81 24.88
N ILE D 239 14.80 23.03 23.58
CA ILE D 239 15.98 22.70 22.78
C ILE D 239 17.12 23.69 23.05
N ARG D 240 16.78 24.98 23.13
CA ARG D 240 17.78 25.99 23.47
C ARG D 240 18.39 25.72 24.84
N GLU D 241 17.52 25.41 25.81
CA GLU D 241 17.99 25.11 27.16
C GLU D 241 18.90 23.89 27.17
N LYS D 242 18.50 22.86 26.43
CA LYS D 242 19.28 21.64 26.31
C LYS D 242 20.70 21.91 25.80
N TYR D 243 20.82 22.77 24.81
CA TYR D 243 22.11 23.03 24.18
C TYR D 243 22.87 24.21 24.79
N LYS D 244 22.40 24.68 25.94
CA LYS D 244 23.19 25.61 26.75
C LYS D 244 24.22 24.79 27.51
N ASN D 245 23.87 23.54 27.79
CA ASN D 245 24.70 22.63 28.55
C ASN D 245 26.13 22.53 28.02
N SER D 246 27.08 22.26 28.91
CA SER D 246 28.46 22.05 28.51
C SER D 246 28.58 20.81 27.64
N LYS D 247 27.66 19.87 27.87
CA LYS D 247 27.57 18.65 27.07
C LYS D 247 27.60 18.98 25.59
N TYR D 248 26.94 20.07 25.22
CA TYR D 248 26.88 20.51 23.83
C TYR D 248 27.58 21.85 23.62
N HIS D 249 28.59 22.10 24.44
CA HIS D 249 29.46 23.27 24.30
C HIS D 249 28.68 24.59 24.22
N GLY D 250 27.53 24.64 24.88
CA GLY D 250 26.72 25.85 24.94
C GLY D 250 26.51 26.53 23.59
N VAL D 251 26.40 25.73 22.53
CA VAL D 251 26.27 26.26 21.18
C VAL D 251 25.01 27.09 20.97
N SER D 252 24.00 26.90 21.82
CA SER D 252 22.77 27.65 21.72
C SER D 252 22.93 29.08 22.24
N LEU D 253 24.08 29.34 22.87
CA LEU D 253 24.38 30.66 23.42
C LEU D 253 25.12 31.51 22.39
N LEU D 254 25.57 30.88 21.31
CA LEU D 254 26.28 31.60 20.26
C LEU D 254 25.33 32.58 19.56
N ASN D 255 25.91 33.56 18.87
CA ASN D 255 25.11 34.49 18.09
C ASN D 255 25.05 34.03 16.64
N PRO D 256 23.82 33.82 16.12
CA PRO D 256 23.67 33.42 14.72
C PRO D 256 24.22 34.47 13.77
N PRO D 257 24.68 34.03 12.59
CA PRO D 257 25.22 34.94 11.56
C PRO D 257 24.13 35.84 10.98
N GLU D 258 24.45 37.11 10.80
CA GLU D 258 23.50 38.09 10.27
C GLU D 258 23.06 37.74 8.86
N THR D 259 24.03 37.41 8.00
CA THR D 259 23.75 37.04 6.62
C THR D 259 24.50 35.76 6.25
N LEU D 260 24.10 35.15 5.14
CA LEU D 260 24.72 33.91 4.70
C LEU D 260 25.46 34.11 3.38
N ASN D 261 25.37 35.31 2.83
CA ASN D 261 26.00 35.61 1.55
C ASN D 261 25.55 34.66 0.44
N LEU D 262 24.36 34.90 -0.08
CA LEU D 262 23.79 34.05 -1.13
C LEU D 262 22.89 34.84 -2.06
C01 T3C E . -27.70 5.38 4.38
C01 T3C E . -27.71 5.48 4.29
N02 T3C E . -26.62 4.48 4.64
N02 T3C E . -26.61 4.59 4.51
C03 T3C E . -25.54 4.93 5.48
C03 T3C E . -25.53 5.00 5.36
N04 T3C E . -24.45 4.23 5.85
N04 T3C E . -24.46 4.27 5.72
C05 T3C E . -23.57 4.87 6.65
C05 T3C E . -23.57 4.87 6.54
C06 T3C E . -22.30 4.16 7.13
C06 T3C E . -22.32 4.13 7.02
C07 T3C E . -23.89 6.19 6.99
C07 T3C E . -23.87 6.20 6.89
C08 T3C E . -23.22 7.13 7.78
C08 T3C E . -23.15 7.09 7.70
N09 T3C E . -23.90 7.77 8.77
N09 T3C E . -23.78 7.68 8.76
C10 T3C E . -23.32 8.68 9.55
C10 T3C E . -23.14 8.55 9.55
N11 T3C E . -24.09 9.33 10.62
N11 T3C E . -23.85 9.14 10.70
C12 T3C E . -25.47 9.57 10.55
C12 T3C E . -25.18 9.60 10.64
C13 T3C E . -26.04 10.64 11.32
C13 T3C E . -25.90 9.67 9.39
C14 T3C E . -27.42 10.89 11.27
C14 T3C E . -27.22 10.14 9.38
C15 T3C E . -28.25 10.09 10.46
C15 T3C E . -27.86 10.52 10.58
C16 T3C E . -27.70 9.03 9.70
C16 T3C E . -27.15 10.44 11.81
N17 T3C E . -28.59 8.20 8.85
N17 T3C E . -27.80 10.84 13.06
C18 T3C E . -28.99 6.84 9.07
C18 T3C E . -29.10 10.45 13.55
C19 T3C E . -30.47 6.70 9.21
C19 T3C E . -29.72 11.53 14.37
C20 T3C E . -31.17 7.19 7.97
C20 T3C E . -28.84 12.74 14.46
N21 T3C E . -30.32 7.15 6.82
N21 T3C E . -27.78 12.59 15.41
C22 T3C E . -29.59 8.35 6.59
C22 T3C E . -26.58 12.04 14.84
C23 T3C E . -28.39 8.55 7.47
C23 T3C E . -26.80 10.75 14.10
C24 T3C E . -26.30 8.78 9.75
C24 T3C E . -25.80 9.97 11.82
N25 T3C E . -22.00 9.00 9.38
N25 T3C E . -21.83 8.86 9.32
C26 T3C E . -21.26 8.40 8.39
C26 T3C E . -21.14 8.31 8.26
C27 T3C E . -21.86 7.45 7.57
C27 T3C E . -21.79 7.41 7.43
C28 T3C E . -21.05 6.79 6.50
C28 T3C E . -21.07 6.81 6.29
N29 T3C E . -20.45 6.29 5.69
N29 T3C E . -20.51 6.34 5.41
S30 T3C E . -25.39 6.50 6.21
S30 T3C E . -25.34 6.56 6.09
S SO4 F . 5.79 -16.25 -4.45
O1 SO4 F . 5.55 -16.13 -5.89
O2 SO4 F . 4.60 -15.87 -3.71
O3 SO4 F . 6.15 -17.63 -4.13
O4 SO4 F . 6.90 -15.38 -4.08
C1 SGM G . -5.08 -3.13 -7.40
C2 SGM G . -4.32 -1.93 -6.81
O2 SGM G . -3.49 -2.35 -5.73
C3 SGM G . -5.31 -0.87 -6.33
O3 SGM G . -4.59 0.09 -5.53
S1 SGM G . -6.29 -2.61 -8.60
C1 SGM H . -20.00 -2.66 -35.61
C2 SGM H . -19.50 -2.76 -34.17
O2 SGM H . -19.42 -4.14 -33.82
C3 SGM H . -20.46 -2.05 -33.24
O3 SGM H . -19.71 -1.23 -32.33
S1 SGM H . -20.91 -4.13 -36.12
C01 T3C I . 16.42 -20.07 15.55
C01 T3C I . 16.31 -20.73 15.91
N02 T3C I . 15.21 -19.34 15.31
N02 T3C I . 15.06 -20.04 15.78
C03 T3C I . 14.33 -19.76 14.24
C03 T3C I . 14.23 -20.28 14.63
N04 T3C I . 13.11 -19.28 13.96
N04 T3C I . 13.06 -19.68 14.35
C05 T3C I . 12.48 -19.82 12.90
C05 T3C I . 12.45 -20.07 13.21
C06 T3C I . 11.07 -19.36 12.49
C06 T3C I . 11.10 -19.46 12.77
C07 T3C I . 13.18 -20.84 12.23
C07 T3C I . 13.11 -21.05 12.45
C08 T3C I . 12.81 -21.60 11.12
C08 T3C I . 12.74 -21.65 11.25
N09 T3C I . 12.85 -22.97 11.20
N09 T3C I . 12.64 -23.01 11.19
C10 T3C I . 12.53 -23.73 10.16
C10 T3C I . 12.31 -23.62 10.05
N11 T3C I . 12.57 -25.20 10.28
N11 T3C I . 12.18 -25.09 10.02
C12 T3C I . 13.45 -25.87 11.15
C12 T3C I . 13.10 -25.94 10.68
C13 T3C I . 13.77 -27.24 10.90
C13 T3C I . 14.34 -25.43 11.20
C14 T3C I . 14.64 -27.95 11.76
C14 T3C I . 15.23 -26.30 11.86
C15 T3C I . 15.19 -27.29 12.87
C15 T3C I . 14.91 -27.66 11.99
C16 T3C I . 14.88 -25.94 13.13
C16 T3C I . 13.69 -28.17 11.49
N17 T3C I . 15.46 -25.27 14.32
N17 T3C I . 13.35 -29.60 11.62
C18 T3C I . 14.80 -24.85 15.53
C18 T3C I . 13.43 -30.41 12.81
C19 T3C I . 15.37 -25.51 16.75
C19 T3C I . 13.63 -31.86 12.47
C20 T3C I . 16.82 -25.17 16.94
C20 T3C I . 13.87 -32.07 11.00
N21 T3C I . 17.22 -24.00 16.21
N21 T3C I . 12.66 -32.10 10.25
C22 T3C I . 17.65 -24.28 14.87
C22 T3C I . 12.24 -30.81 9.79
C23 T3C I . 16.52 -24.39 13.89
C23 T3C I . 12.13 -29.80 10.90
C24 T3C I . 14.00 -25.23 12.26
C24 T3C I . 12.79 -27.28 10.82
N25 T3C I . 12.13 -23.17 8.98
N25 T3C I . 12.04 -22.91 8.92
C26 T3C I . 12.08 -21.81 8.83
C26 T3C I . 12.14 -21.54 8.92
C27 T3C I . 12.42 -21.00 9.90
C27 T3C I . 12.50 -20.88 10.08
C28 T3C I . 12.37 -19.52 9.76
C28 T3C I . 12.60 -19.40 10.10
N29 T3C I . 12.33 -18.39 9.67
N29 T3C I . 12.68 -18.26 10.11
S30 T3C I . 14.66 -20.99 13.07
S30 T3C I . 14.55 -21.40 13.35
S SO4 J . -6.23 12.73 8.57
O1 SO4 J . -5.40 12.74 7.36
O2 SO4 J . -7.63 12.87 8.20
O3 SO4 J . -6.03 11.46 9.26
O4 SO4 J . -5.83 13.83 9.44
C1 SGM K . 8.52 3.59 6.88
C2 SGM K . 8.44 3.16 5.43
O2 SGM K . 7.08 3.03 5.00
C3 SGM K . 9.16 1.83 5.28
O3 SGM K . 8.74 1.19 4.07
S1 SGM K . 10.22 3.47 7.47
#